data_3C6Q
#
_entry.id   3C6Q
#
_cell.length_a   81.100
_cell.length_b   75.750
_cell.length_c   100.520
_cell.angle_alpha   90.000
_cell.angle_beta   89.900
_cell.angle_gamma   90.000
#
_symmetry.space_group_name_H-M   'P 1 21 1'
#
loop_
_entity.id
_entity.type
_entity.pdbx_description
1 polymer 'Sugar ABC transporter, periplasmic sugar-binding protein'
2 non-polymer beta-D-xylopyranose
3 water water
#
_entity_poly.entity_id   1
_entity_poly.type   'polypeptide(L)'
_entity_poly.pdbx_seq_one_letter_code
;MLTIGVIGKSVHPYWSQVEQGVKAAGKALGVDTKFFVPQKCDINAQLQMLESFIAEGVNGIAIAPSDPTAVIPTIKKALE
MGIPVVTLDTDSPDSGRYVYIGTDNYQAGYTAGLIMKELLGGKGKVVIGTGSLTAMNSLQRIQGFKDAIKDSEIEIVDIL
NDCEDGARAVSLAEAALNAHPDLDAFFGVYAYNGPAQALVVKNAGKVGKVKIVCFDTTPDILQYVKEGVIQATMGQRPYM
MGYLSVTVLYLMNKIGVQNTLMMLPKVKVDGKVDYVIDTGVDVVTPENLDEYLKKMEELGIPIKFHHHHHH
;
_entity_poly.pdbx_strand_id   B,A,C,D
#
# COMPACT_ATOMS: atom_id res chain seq x y z
N MET A 1 20.33 -13.14 37.27
CA MET A 1 19.51 -12.70 36.15
C MET A 1 18.06 -12.54 36.60
N LEU A 2 17.13 -12.44 35.65
CA LEU A 2 15.72 -12.19 35.99
C LEU A 2 14.82 -13.43 36.05
N THR A 3 13.86 -13.41 36.98
CA THR A 3 12.87 -14.47 37.13
C THR A 3 11.43 -13.93 37.08
N ILE A 4 10.68 -14.33 36.06
CA ILE A 4 9.30 -13.90 35.92
C ILE A 4 8.35 -15.07 36.06
N GLY A 5 7.32 -14.88 36.90
CA GLY A 5 6.29 -15.88 37.15
C GLY A 5 5.00 -15.66 36.37
N VAL A 6 4.50 -16.73 35.76
CA VAL A 6 3.26 -16.66 34.98
C VAL A 6 2.27 -17.75 35.41
N ILE A 7 1.08 -17.32 35.83
CA ILE A 7 0.06 -18.26 36.31
C ILE A 7 -1.17 -18.33 35.41
N GLY A 8 -1.38 -19.49 34.79
CA GLY A 8 -2.55 -19.72 33.95
C GLY A 8 -3.78 -20.13 34.75
N LYS A 9 -4.69 -20.86 34.12
CA LYS A 9 -5.96 -21.22 34.78
C LYS A 9 -6.13 -22.73 35.00
N SER A 10 -5.88 -23.52 33.97
CA SER A 10 -5.89 -24.97 34.06
C SER A 10 -4.95 -25.55 33.01
N VAL A 11 -4.87 -26.88 32.95
CA VAL A 11 -3.91 -27.57 32.08
C VAL A 11 -4.15 -27.47 30.55
N HIS A 12 -5.40 -27.29 30.13
CA HIS A 12 -5.79 -27.12 28.72
C HIS A 12 -4.67 -26.76 27.71
N PRO A 13 -4.76 -27.28 26.48
CA PRO A 13 -3.83 -26.97 25.39
C PRO A 13 -3.69 -25.46 25.12
N TYR A 14 -4.79 -24.73 25.25
CA TYR A 14 -4.78 -23.27 25.16
C TYR A 14 -3.66 -22.74 26.04
N TRP A 15 -3.65 -23.19 27.29
CA TRP A 15 -2.67 -22.75 28.29
C TRP A 15 -1.27 -23.32 28.07
N SER A 16 -1.14 -24.22 27.12
CA SER A 16 0.20 -24.69 26.73
C SER A 16 0.70 -23.74 25.67
N GLN A 17 -0.23 -23.11 24.98
CA GLN A 17 0.11 -22.14 23.95
C GLN A 17 0.57 -20.86 24.60
N VAL A 18 0.03 -20.60 25.78
CA VAL A 18 0.51 -19.49 26.57
C VAL A 18 1.90 -19.83 27.09
N GLU A 19 2.04 -21.04 27.62
CA GLU A 19 3.32 -21.52 28.12
C GLU A 19 4.43 -21.27 27.12
N GLN A 20 4.17 -21.57 25.85
CA GLN A 20 5.21 -21.48 24.85
C GLN A 20 5.57 -20.04 24.50
N GLY A 21 4.59 -19.15 24.56
CA GLY A 21 4.86 -17.74 24.34
C GLY A 21 5.77 -17.27 25.44
N VAL A 22 5.39 -17.60 26.68
CA VAL A 22 6.19 -17.34 27.86
C VAL A 22 7.64 -17.76 27.61
N LYS A 23 7.83 -19.02 27.20
CA LYS A 23 9.16 -19.59 27.00
C LYS A 23 9.93 -18.93 25.88
N ALA A 24 9.24 -18.60 24.79
CA ALA A 24 9.91 -17.96 23.67
C ALA A 24 10.45 -16.60 24.07
N ALA A 25 9.69 -15.89 24.90
CA ALA A 25 10.08 -14.56 25.33
C ALA A 25 11.31 -14.63 26.25
N GLY A 26 11.36 -15.67 27.09
CA GLY A 26 12.47 -15.86 28.01
C GLY A 26 13.79 -16.08 27.30
N LYS A 27 13.75 -16.89 26.24
CA LYS A 27 14.92 -17.16 25.43
C LYS A 27 15.41 -15.89 24.77
N ALA A 28 14.50 -15.16 24.16
CA ALA A 28 14.86 -14.03 23.33
C ALA A 28 15.29 -12.78 24.10
N LEU A 29 14.93 -12.71 25.37
CA LEU A 29 15.33 -11.58 26.21
C LEU A 29 16.30 -12.05 27.26
N GLY A 30 16.51 -13.36 27.30
CA GLY A 30 17.43 -13.96 28.24
C GLY A 30 16.95 -13.83 29.67
N VAL A 31 15.74 -14.31 29.92
CA VAL A 31 15.20 -14.25 31.25
C VAL A 31 14.59 -15.60 31.62
N ASP A 32 14.61 -15.92 32.91
CA ASP A 32 14.03 -17.16 33.37
C ASP A 32 12.54 -17.00 33.61
N THR A 33 11.79 -18.02 33.22
CA THR A 33 10.34 -17.99 33.31
C THR A 33 9.82 -19.21 34.08
N LYS A 34 8.90 -18.96 35.00
CA LYS A 34 8.24 -20.04 35.70
C LYS A 34 6.71 -19.97 35.46
N PHE A 35 6.22 -20.91 34.67
CA PHE A 35 4.82 -20.98 34.29
C PHE A 35 4.11 -22.06 35.10
N PHE A 36 2.95 -21.72 35.67
CA PHE A 36 2.19 -22.68 36.47
C PHE A 36 0.72 -22.74 36.13
N VAL A 37 0.20 -23.95 35.98
CA VAL A 37 -1.25 -24.17 35.88
C VAL A 37 -1.67 -25.38 36.71
N PRO A 38 -2.65 -25.20 37.60
CA PRO A 38 -3.17 -26.35 38.35
C PRO A 38 -3.81 -27.29 37.34
N GLN A 39 -4.01 -28.54 37.73
CA GLN A 39 -4.61 -29.50 36.82
C GLN A 39 -5.96 -29.02 36.28
N LYS A 40 -6.78 -28.48 37.17
CA LYS A 40 -8.07 -27.96 36.78
C LYS A 40 -8.34 -26.64 37.48
N CYS A 41 -9.31 -25.90 36.95
CA CYS A 41 -9.75 -24.64 37.56
C CYS A 41 -9.68 -24.71 39.09
N ASP A 42 -8.93 -23.80 39.70
CA ASP A 42 -8.83 -23.72 41.16
C ASP A 42 -8.12 -22.47 41.62
N ILE A 43 -8.89 -21.50 42.10
CA ILE A 43 -8.34 -20.22 42.54
C ILE A 43 -7.32 -20.38 43.66
N ASN A 44 -7.56 -21.33 44.55
CA ASN A 44 -6.66 -21.53 45.70
C ASN A 44 -5.27 -22.03 45.32
N ALA A 45 -5.22 -22.88 44.31
CA ALA A 45 -3.95 -23.33 43.76
C ALA A 45 -3.19 -22.14 43.15
N GLN A 46 -3.94 -21.28 42.45
CA GLN A 46 -3.39 -20.04 41.92
C GLN A 46 -2.89 -19.13 43.04
N LEU A 47 -3.79 -18.85 43.97
CA LEU A 47 -3.54 -17.88 45.03
C LEU A 47 -2.36 -18.30 45.89
N GLN A 48 -2.15 -19.60 46.03
CA GLN A 48 -1.03 -20.09 46.81
C GLN A 48 0.24 -19.97 45.98
N MET A 49 0.12 -20.29 44.69
CA MET A 49 1.23 -20.18 43.77
C MET A 49 1.70 -18.75 43.64
N LEU A 50 0.75 -17.82 43.72
CA LEU A 50 1.05 -16.39 43.73
C LEU A 50 1.91 -16.08 44.95
N GLU A 51 1.50 -16.64 46.09
CA GLU A 51 2.20 -16.46 47.35
C GLU A 51 3.63 -16.99 47.26
N SER A 52 3.80 -18.10 46.53
CA SER A 52 5.11 -18.70 46.35
C SER A 52 6.04 -17.80 45.56
N PHE A 53 5.54 -17.29 44.43
CA PHE A 53 6.32 -16.37 43.62
C PHE A 53 6.80 -15.18 44.46
N ILE A 54 5.90 -14.67 45.28
CA ILE A 54 6.22 -13.55 46.15
C ILE A 54 7.32 -13.96 47.12
N ALA A 55 7.06 -15.00 47.89
CA ALA A 55 8.05 -15.54 48.81
C ALA A 55 9.39 -15.76 48.09
N GLU A 56 9.35 -16.55 47.03
CA GLU A 56 10.53 -16.88 46.24
C GLU A 56 11.29 -15.65 45.75
N GLY A 57 10.64 -14.48 45.76
CA GLY A 57 11.26 -13.25 45.31
C GLY A 57 11.44 -13.06 43.81
N VAL A 58 10.47 -13.50 43.01
CA VAL A 58 10.52 -13.28 41.56
C VAL A 58 10.56 -11.78 41.23
N ASN A 59 10.80 -11.47 39.96
CA ASN A 59 10.95 -10.07 39.56
C ASN A 59 9.71 -9.50 38.88
N GLY A 60 8.83 -10.38 38.41
CA GLY A 60 7.62 -9.95 37.71
C GLY A 60 6.61 -11.07 37.69
N ILE A 61 5.34 -10.72 37.86
CA ILE A 61 4.26 -11.71 37.82
C ILE A 61 3.18 -11.36 36.81
N ALA A 62 2.76 -12.38 36.06
CA ALA A 62 1.62 -12.28 35.17
C ALA A 62 0.63 -13.38 35.58
N ILE A 63 -0.61 -13.00 35.84
CA ILE A 63 -1.64 -13.97 36.20
C ILE A 63 -2.86 -13.86 35.30
N ALA A 64 -3.54 -14.99 35.12
CA ALA A 64 -4.89 -15.02 34.56
C ALA A 64 -5.82 -15.54 35.65
N PRO A 65 -6.41 -14.62 36.44
CA PRO A 65 -7.21 -14.95 37.63
C PRO A 65 -8.47 -15.77 37.33
N SER A 66 -8.70 -16.85 38.08
CA SER A 66 -9.96 -17.58 37.96
C SER A 66 -11.01 -16.83 38.75
N ASP A 67 -10.58 -16.17 39.82
CA ASP A 67 -11.42 -15.24 40.53
C ASP A 67 -10.77 -13.86 40.53
N PRO A 68 -11.25 -12.99 39.64
CA PRO A 68 -10.76 -11.62 39.44
C PRO A 68 -10.70 -10.86 40.75
N THR A 69 -11.56 -11.23 41.70
CA THR A 69 -11.69 -10.47 42.92
C THR A 69 -10.82 -11.00 44.04
N ALA A 70 -10.75 -12.32 44.14
CA ALA A 70 -10.01 -12.96 45.22
C ALA A 70 -8.51 -12.70 45.15
N VAL A 71 -8.01 -12.48 43.93
CA VAL A 71 -6.60 -12.23 43.69
C VAL A 71 -6.16 -10.87 44.23
N ILE A 72 -7.11 -9.93 44.25
CA ILE A 72 -6.78 -8.54 44.53
C ILE A 72 -5.83 -8.30 45.70
N PRO A 73 -6.14 -8.87 46.88
CA PRO A 73 -5.25 -8.55 48.01
C PRO A 73 -3.85 -9.10 47.81
N THR A 74 -3.75 -10.32 47.29
CA THR A 74 -2.45 -10.93 47.04
C THR A 74 -1.63 -10.07 46.06
N ILE A 75 -2.27 -9.65 44.97
CA ILE A 75 -1.63 -8.77 44.02
C ILE A 75 -1.15 -7.49 44.69
N LYS A 76 -2.02 -6.89 45.49
CA LYS A 76 -1.65 -5.69 46.24
C LYS A 76 -0.35 -5.91 47.02
N LYS A 77 -0.24 -7.10 47.62
CA LYS A 77 0.91 -7.46 48.44
C LYS A 77 2.22 -7.51 47.65
N ALA A 78 2.15 -8.03 46.43
CA ALA A 78 3.31 -8.20 45.57
C ALA A 78 3.84 -6.84 45.11
N LEU A 79 2.91 -5.94 44.83
CA LEU A 79 3.26 -4.59 44.44
C LEU A 79 4.05 -3.91 45.57
N GLU A 80 3.65 -4.14 46.81
CA GLU A 80 4.33 -3.55 47.96
C GLU A 80 5.72 -4.13 48.19
N MET A 81 5.99 -5.29 47.59
CA MET A 81 7.31 -5.89 47.70
C MET A 81 8.15 -5.43 46.53
N GLY A 82 7.55 -4.66 45.65
CA GLY A 82 8.28 -4.13 44.51
C GLY A 82 8.21 -5.06 43.32
N ILE A 83 7.38 -6.09 43.44
CA ILE A 83 7.10 -6.96 42.29
C ILE A 83 5.97 -6.42 41.40
N PRO A 84 6.29 -6.18 40.13
CA PRO A 84 5.37 -5.70 39.09
C PRO A 84 4.37 -6.77 38.69
N VAL A 85 3.08 -6.42 38.63
CA VAL A 85 2.07 -7.37 38.15
C VAL A 85 1.36 -6.96 36.86
N VAL A 86 1.03 -7.94 36.04
CA VAL A 86 0.18 -7.74 34.89
C VAL A 86 -0.75 -8.94 34.75
N THR A 87 -1.80 -8.76 33.98
CA THR A 87 -2.81 -9.79 33.84
C THR A 87 -2.95 -10.20 32.40
N LEU A 88 -3.19 -11.48 32.17
CA LEU A 88 -3.44 -11.97 30.83
C LEU A 88 -4.72 -12.79 30.76
N ASP A 89 -5.27 -12.93 29.55
CA ASP A 89 -6.43 -13.78 29.26
C ASP A 89 -7.73 -13.32 29.91
N THR A 90 -7.72 -13.19 31.23
CA THR A 90 -8.86 -12.63 31.95
C THR A 90 -8.35 -11.58 32.94
N ASP A 91 -9.05 -10.44 32.97
CA ASP A 91 -8.58 -9.24 33.66
C ASP A 91 -9.11 -9.12 35.08
N SER A 92 -8.35 -8.41 35.89
CA SER A 92 -8.79 -8.01 37.21
C SER A 92 -8.53 -6.50 37.26
N PRO A 93 -9.46 -5.72 36.71
CA PRO A 93 -9.24 -4.28 36.48
C PRO A 93 -8.98 -3.50 37.76
N ASP A 94 -9.42 -4.01 38.90
CA ASP A 94 -9.34 -3.25 40.13
C ASP A 94 -8.30 -3.79 41.10
N SER A 95 -7.31 -4.52 40.57
CA SER A 95 -6.39 -5.30 41.41
C SER A 95 -5.07 -4.61 41.69
N GLY A 96 -4.77 -3.56 40.93
CA GLY A 96 -3.50 -2.87 41.06
C GLY A 96 -2.54 -3.25 39.94
N ARG A 97 -2.92 -4.27 39.18
CA ARG A 97 -2.17 -4.70 38.02
C ARG A 97 -1.94 -3.53 37.05
N TYR A 98 -0.71 -3.42 36.56
CA TYR A 98 -0.29 -2.30 35.71
C TYR A 98 -0.86 -2.36 34.29
N VAL A 99 -0.99 -3.57 33.77
CA VAL A 99 -1.39 -3.76 32.39
C VAL A 99 -2.21 -5.02 32.21
N TYR A 100 -3.24 -4.93 31.40
CA TYR A 100 -3.96 -6.14 30.99
C TYR A 100 -3.60 -6.52 29.55
N ILE A 101 -3.39 -7.81 29.31
CA ILE A 101 -3.02 -8.30 27.99
C ILE A 101 -3.88 -9.50 27.62
N GLY A 102 -4.71 -9.37 26.59
CA GLY A 102 -5.61 -10.43 26.19
C GLY A 102 -6.55 -10.01 25.07
N THR A 103 -7.43 -10.92 24.66
CA THR A 103 -8.28 -10.67 23.48
C THR A 103 -9.29 -9.57 23.75
N ASP A 104 -9.36 -8.61 22.84
CA ASP A 104 -10.39 -7.58 22.91
C ASP A 104 -11.63 -8.14 22.23
N ASN A 105 -12.62 -8.48 23.05
CA ASN A 105 -13.79 -9.19 22.55
C ASN A 105 -14.70 -8.36 21.66
N TYR A 106 -14.95 -7.11 22.04
CA TYR A 106 -15.66 -6.23 21.14
C TYR A 106 -14.93 -6.22 19.79
N GLN A 107 -13.64 -5.92 19.82
CA GLN A 107 -12.88 -5.77 18.58
C GLN A 107 -12.89 -7.03 17.73
N ALA A 108 -12.65 -8.18 18.37
CA ALA A 108 -12.80 -9.47 17.71
C ALA A 108 -14.18 -9.60 17.06
N GLY A 109 -15.23 -9.47 17.87
CA GLY A 109 -16.60 -9.53 17.40
C GLY A 109 -16.80 -8.70 16.14
N TYR A 110 -16.28 -7.48 16.17
CA TYR A 110 -16.35 -6.58 15.03
C TYR A 110 -15.71 -7.25 13.79
N THR A 111 -14.47 -7.70 13.96
CA THR A 111 -13.75 -8.40 12.90
C THR A 111 -14.61 -9.47 12.25
N ALA A 112 -15.26 -10.30 13.08
CA ALA A 112 -16.13 -11.34 12.56
C ALA A 112 -17.29 -10.75 11.77
N GLY A 113 -17.77 -9.61 12.23
CA GLY A 113 -18.83 -8.89 11.56
C GLY A 113 -18.42 -8.49 10.16
N LEU A 114 -17.32 -7.76 10.03
CA LEU A 114 -16.90 -7.32 8.69
C LEU A 114 -16.75 -8.54 7.79
N ILE A 115 -16.21 -9.60 8.35
CA ILE A 115 -16.05 -10.83 7.61
C ILE A 115 -17.41 -11.32 7.13
N MET A 116 -18.37 -11.40 8.05
CA MET A 116 -19.70 -11.83 7.69
C MET A 116 -20.27 -10.96 6.59
N LYS A 117 -20.20 -9.65 6.81
CA LYS A 117 -20.71 -8.69 5.87
C LYS A 117 -20.21 -8.98 4.45
N GLU A 118 -18.93 -9.32 4.34
CA GLU A 118 -18.31 -9.49 3.05
C GLU A 118 -18.79 -10.77 2.42
N LEU A 119 -18.91 -11.82 3.24
CA LEU A 119 -19.35 -13.13 2.75
C LEU A 119 -20.79 -13.10 2.22
N LEU A 120 -21.65 -12.37 2.92
CA LEU A 120 -23.08 -12.28 2.55
C LEU A 120 -23.39 -11.20 1.52
N GLY A 121 -22.40 -10.38 1.17
CA GLY A 121 -22.62 -9.31 0.22
C GLY A 121 -23.51 -8.17 0.70
N GLY A 122 -23.45 -7.90 2.00
CA GLY A 122 -24.22 -6.81 2.58
C GLY A 122 -25.70 -7.11 2.82
N LYS A 123 -26.15 -8.26 2.33
CA LYS A 123 -27.56 -8.63 2.39
C LYS A 123 -27.69 -10.03 2.98
N GLY A 124 -28.60 -10.21 3.93
CA GLY A 124 -28.86 -11.54 4.44
C GLY A 124 -29.48 -11.68 5.82
N LYS A 125 -29.83 -12.92 6.17
CA LYS A 125 -30.40 -13.24 7.48
C LYS A 125 -29.44 -14.10 8.30
N VAL A 126 -29.25 -13.74 9.56
CA VAL A 126 -28.27 -14.40 10.42
C VAL A 126 -28.83 -14.91 11.74
N VAL A 127 -28.46 -16.12 12.13
CA VAL A 127 -28.78 -16.58 13.48
C VAL A 127 -27.48 -16.65 14.27
N ILE A 128 -27.53 -16.23 15.53
CA ILE A 128 -26.37 -16.27 16.42
C ILE A 128 -26.52 -17.40 17.43
N GLY A 129 -25.45 -18.15 17.62
CA GLY A 129 -25.43 -19.16 18.67
C GLY A 129 -24.39 -18.81 19.71
N THR A 130 -24.85 -18.55 20.94
CA THR A 130 -23.94 -18.29 22.03
C THR A 130 -24.31 -19.11 23.26
N GLY A 131 -23.44 -19.11 24.27
CA GLY A 131 -23.69 -19.92 25.46
C GLY A 131 -24.05 -19.13 26.70
N SER A 132 -23.92 -17.81 26.65
CA SER A 132 -24.33 -16.95 27.76
C SER A 132 -24.85 -15.60 27.28
N LEU A 133 -25.75 -15.01 28.05
CA LEU A 133 -26.29 -13.70 27.70
C LEU A 133 -26.03 -12.68 28.79
N THR A 134 -25.22 -13.09 29.76
CA THR A 134 -24.76 -12.21 30.81
C THR A 134 -23.26 -11.90 30.70
N ALA A 135 -22.47 -12.91 30.35
CA ALA A 135 -21.01 -12.80 30.30
C ALA A 135 -20.51 -11.72 29.36
N MET A 136 -19.48 -11.00 29.79
CA MET A 136 -18.91 -9.91 29.02
C MET A 136 -18.36 -10.35 27.68
N ASN A 137 -17.57 -11.42 27.67
CA ASN A 137 -16.98 -11.88 26.43
C ASN A 137 -18.04 -12.15 25.36
N SER A 138 -19.14 -12.75 25.78
CA SER A 138 -20.24 -13.07 24.89
C SER A 138 -20.93 -11.81 24.41
N LEU A 139 -21.18 -10.89 25.33
CA LEU A 139 -21.90 -9.66 25.01
C LEU A 139 -21.10 -8.80 24.05
N GLN A 140 -19.80 -8.72 24.29
CA GLN A 140 -18.92 -7.86 23.50
C GLN A 140 -18.70 -8.40 22.09
N ARG A 141 -18.57 -9.71 21.97
CA ARG A 141 -18.45 -10.36 20.67
C ARG A 141 -19.71 -10.10 19.87
N ILE A 142 -20.85 -10.04 20.56
CA ILE A 142 -22.13 -9.80 19.90
C ILE A 142 -22.34 -8.31 19.61
N GLN A 143 -21.97 -7.48 20.58
CA GLN A 143 -22.01 -6.04 20.35
C GLN A 143 -21.17 -5.66 19.14
N GLY A 144 -19.93 -6.15 19.09
CA GLY A 144 -19.06 -5.90 17.97
C GLY A 144 -19.66 -6.35 16.65
N PHE A 145 -20.04 -7.63 16.58
CA PHE A 145 -20.71 -8.16 15.40
C PHE A 145 -21.88 -7.27 14.98
N LYS A 146 -22.75 -6.92 15.93
CA LYS A 146 -23.93 -6.10 15.62
C LYS A 146 -23.52 -4.80 14.95
N ASP A 147 -22.54 -4.13 15.56
CA ASP A 147 -22.05 -2.85 15.07
C ASP A 147 -21.43 -2.96 13.68
N ALA A 148 -20.84 -4.10 13.37
CA ALA A 148 -20.12 -4.24 12.10
C ALA A 148 -21.05 -4.34 10.90
N ILE A 149 -22.25 -4.84 11.12
CA ILE A 149 -23.19 -5.07 10.01
C ILE A 149 -24.30 -4.03 9.99
N LYS A 150 -24.28 -3.14 10.97
CA LYS A 150 -25.32 -2.11 11.13
C LYS A 150 -25.68 -1.46 9.81
N ASP A 151 -24.68 -0.91 9.12
CA ASP A 151 -24.93 -0.12 7.93
C ASP A 151 -25.32 -0.97 6.72
N SER A 152 -25.53 -2.26 6.93
CA SER A 152 -25.89 -3.17 5.84
C SER A 152 -27.32 -3.65 5.98
N GLU A 153 -27.82 -4.30 4.93
CA GLU A 153 -29.16 -4.87 4.97
C GLU A 153 -29.20 -6.18 5.75
N ILE A 154 -28.06 -6.61 6.27
CA ILE A 154 -28.00 -7.88 6.97
C ILE A 154 -28.85 -7.81 8.24
N GLU A 155 -29.52 -8.91 8.57
CA GLU A 155 -30.48 -8.92 9.64
C GLU A 155 -30.33 -10.14 10.55
N ILE A 156 -30.18 -9.88 11.84
CA ILE A 156 -30.10 -10.94 12.84
C ILE A 156 -31.51 -11.35 13.24
N VAL A 157 -31.86 -12.60 12.95
CA VAL A 157 -33.23 -13.06 13.17
C VAL A 157 -33.43 -13.80 14.49
N ASP A 158 -32.34 -14.19 15.13
CA ASP A 158 -32.45 -14.87 16.41
C ASP A 158 -31.13 -14.88 17.14
N ILE A 159 -31.20 -15.10 18.44
CA ILE A 159 -30.01 -15.26 19.26
C ILE A 159 -30.21 -16.40 20.26
N LEU A 160 -29.78 -17.59 19.86
CA LEU A 160 -30.06 -18.80 20.62
C LEU A 160 -29.11 -19.01 21.81
N ASN A 161 -29.68 -19.04 23.00
CA ASN A 161 -28.89 -19.24 24.20
C ASN A 161 -28.99 -20.66 24.74
N ASP A 162 -27.96 -21.46 24.49
CA ASP A 162 -27.97 -22.87 24.89
C ASP A 162 -27.38 -23.05 26.27
N CYS A 163 -27.22 -21.95 26.99
CA CYS A 163 -26.70 -21.98 28.36
C CYS A 163 -25.53 -22.94 28.58
N GLU A 164 -24.44 -22.75 27.84
CA GLU A 164 -23.24 -23.56 28.05
C GLU A 164 -23.55 -25.04 27.83
N ASP A 165 -24.25 -25.35 26.75
CA ASP A 165 -24.59 -26.73 26.49
C ASP A 165 -24.62 -27.01 25.00
N GLY A 166 -23.69 -27.85 24.55
CA GLY A 166 -23.59 -28.20 23.15
C GLY A 166 -24.75 -29.02 22.63
N ALA A 167 -25.25 -29.94 23.46
CA ALA A 167 -26.43 -30.70 23.09
C ALA A 167 -27.51 -29.71 22.68
N ARG A 168 -27.82 -28.79 23.58
CA ARG A 168 -28.81 -27.76 23.29
C ARG A 168 -28.43 -27.03 22.02
N ALA A 169 -27.22 -26.48 21.99
CA ALA A 169 -26.68 -25.78 20.81
C ALA A 169 -27.05 -26.42 19.49
N VAL A 170 -26.81 -27.74 19.38
CA VAL A 170 -27.22 -28.52 18.22
C VAL A 170 -28.73 -28.44 17.95
N SER A 171 -29.52 -28.65 19.00
CA SER A 171 -30.98 -28.61 18.89
C SER A 171 -31.44 -27.23 18.46
N LEU A 172 -30.85 -26.23 19.10
CA LEU A 172 -31.17 -24.85 18.81
C LEU A 172 -30.87 -24.51 17.36
N ALA A 173 -29.69 -24.89 16.88
CA ALA A 173 -29.35 -24.63 15.49
C ALA A 173 -30.36 -25.27 14.52
N GLU A 174 -30.80 -26.49 14.84
CA GLU A 174 -31.76 -27.22 14.02
C GLU A 174 -33.10 -26.49 13.99
N ALA A 175 -33.50 -26.00 15.16
CA ALA A 175 -34.75 -25.27 15.28
C ALA A 175 -34.73 -24.09 14.32
N ALA A 176 -33.68 -23.28 14.43
CA ALA A 176 -33.51 -22.14 13.53
C ALA A 176 -33.56 -22.54 12.06
N LEU A 177 -32.90 -23.66 11.75
CA LEU A 177 -32.90 -24.13 10.39
C LEU A 177 -34.30 -24.47 9.94
N ASN A 178 -35.09 -25.06 10.84
CA ASN A 178 -36.47 -25.41 10.53
C ASN A 178 -37.42 -24.21 10.52
N ALA A 179 -37.21 -23.29 11.46
CA ALA A 179 -37.95 -22.02 11.46
C ALA A 179 -37.59 -21.11 10.28
N HIS A 180 -36.32 -21.07 9.90
CA HIS A 180 -35.88 -20.20 8.81
C HIS A 180 -35.28 -21.02 7.67
N PRO A 181 -36.08 -21.27 6.63
CA PRO A 181 -35.62 -22.02 5.47
C PRO A 181 -34.71 -21.16 4.62
N ASP A 182 -34.86 -19.84 4.74
CA ASP A 182 -34.06 -18.89 3.98
C ASP A 182 -32.90 -18.31 4.80
N LEU A 183 -32.48 -19.01 5.84
CA LEU A 183 -31.38 -18.53 6.67
C LEU A 183 -30.10 -18.47 5.85
N ASP A 184 -29.30 -17.42 6.07
CA ASP A 184 -28.09 -17.25 5.28
C ASP A 184 -26.83 -17.58 6.05
N ALA A 185 -26.87 -17.45 7.36
CA ALA A 185 -25.65 -17.66 8.11
C ALA A 185 -25.85 -17.92 9.59
N PHE A 186 -24.93 -18.69 10.16
CA PHE A 186 -24.76 -18.76 11.59
C PHE A 186 -23.54 -17.97 12.00
N PHE A 187 -23.58 -17.43 13.21
CA PHE A 187 -22.41 -16.84 13.81
C PHE A 187 -22.35 -17.44 15.20
N GLY A 188 -21.23 -18.08 15.52
CA GLY A 188 -21.05 -18.77 16.78
C GLY A 188 -20.04 -18.10 17.69
N VAL A 189 -20.40 -17.92 18.96
CA VAL A 189 -19.69 -17.00 19.84
C VAL A 189 -18.61 -17.66 20.69
N TYR A 190 -18.99 -18.74 21.36
CA TYR A 190 -18.02 -19.55 22.06
C TYR A 190 -17.50 -20.66 21.16
N ALA A 191 -16.52 -21.40 21.66
CA ALA A 191 -15.85 -22.40 20.86
C ALA A 191 -16.76 -23.58 20.51
N TYR A 192 -17.78 -23.81 21.34
CA TYR A 192 -18.79 -24.87 21.19
C TYR A 192 -19.61 -24.72 19.91
N ASN A 193 -19.74 -23.47 19.48
CA ASN A 193 -20.83 -23.06 18.61
C ASN A 193 -20.64 -23.27 17.13
N GLY A 194 -19.47 -22.90 16.62
CA GLY A 194 -19.17 -23.12 15.22
C GLY A 194 -19.35 -24.57 14.85
N PRO A 195 -18.80 -25.49 15.66
CA PRO A 195 -18.87 -26.90 15.26
C PRO A 195 -20.30 -27.40 15.38
N ALA A 196 -21.02 -26.97 16.43
CA ALA A 196 -22.42 -27.35 16.60
C ALA A 196 -23.20 -26.88 15.39
N GLN A 197 -22.96 -25.64 14.98
CA GLN A 197 -23.64 -25.08 13.83
C GLN A 197 -23.28 -25.84 12.59
N ALA A 198 -22.01 -26.23 12.49
CA ALA A 198 -21.46 -26.90 11.31
C ALA A 198 -22.03 -28.31 11.19
N LEU A 199 -22.10 -28.99 12.31
CA LEU A 199 -22.75 -30.28 12.34
C LEU A 199 -24.16 -30.19 11.75
N VAL A 200 -24.94 -29.20 12.22
CA VAL A 200 -26.31 -29.05 11.78
C VAL A 200 -26.42 -28.67 10.31
N VAL A 201 -25.54 -27.79 9.86
CA VAL A 201 -25.55 -27.34 8.47
C VAL A 201 -25.23 -28.49 7.51
N LYS A 202 -24.18 -29.23 7.86
CA LYS A 202 -23.76 -30.38 7.10
C LYS A 202 -24.87 -31.43 7.03
N ASN A 203 -25.44 -31.75 8.20
CA ASN A 203 -26.55 -32.69 8.30
C ASN A 203 -27.77 -32.26 7.47
N ALA A 204 -27.93 -30.96 7.29
CA ALA A 204 -29.05 -30.42 6.57
C ALA A 204 -28.78 -30.43 5.07
N GLY A 205 -27.57 -30.81 4.70
CA GLY A 205 -27.15 -30.77 3.31
C GLY A 205 -27.15 -29.34 2.81
N LYS A 206 -26.56 -28.45 3.59
CA LYS A 206 -26.61 -27.03 3.28
C LYS A 206 -25.24 -26.34 3.34
N VAL A 207 -24.18 -27.10 3.12
CA VAL A 207 -22.84 -26.52 3.10
C VAL A 207 -22.73 -25.48 2.00
N GLY A 208 -22.23 -24.29 2.36
CA GLY A 208 -21.99 -23.24 1.39
C GLY A 208 -23.20 -22.35 1.15
N LYS A 209 -24.38 -22.94 1.22
CA LYS A 209 -25.61 -22.18 1.15
C LYS A 209 -25.71 -21.38 2.45
N VAL A 210 -25.56 -22.07 3.57
CA VAL A 210 -25.55 -21.41 4.86
C VAL A 210 -24.11 -21.19 5.32
N LYS A 211 -23.70 -19.94 5.44
CA LYS A 211 -22.35 -19.62 5.86
C LYS A 211 -22.23 -19.73 7.36
N ILE A 212 -21.01 -19.92 7.83
CA ILE A 212 -20.72 -19.99 9.24
C ILE A 212 -19.47 -19.20 9.55
N VAL A 213 -19.58 -18.32 10.53
CA VAL A 213 -18.46 -17.55 11.03
C VAL A 213 -18.49 -17.71 12.53
N CYS A 214 -17.34 -17.91 13.15
CA CYS A 214 -17.34 -18.24 14.56
C CYS A 214 -16.01 -17.99 15.21
N PHE A 215 -15.80 -18.64 16.35
CA PHE A 215 -14.70 -18.30 17.22
C PHE A 215 -13.78 -19.48 17.52
N ASP A 216 -12.51 -19.17 17.62
CA ASP A 216 -11.50 -20.10 18.09
C ASP A 216 -11.05 -21.06 17.01
N THR A 217 -9.98 -21.79 17.35
CA THR A 217 -9.32 -22.67 16.39
C THR A 217 -9.03 -24.02 17.02
N THR A 218 -10.10 -24.68 17.46
CA THR A 218 -10.02 -26.03 18.03
C THR A 218 -9.92 -27.02 16.90
N PRO A 219 -9.42 -28.22 17.20
CA PRO A 219 -9.26 -29.19 16.11
C PRO A 219 -10.58 -29.49 15.39
N ASP A 220 -11.70 -29.48 16.09
CA ASP A 220 -13.01 -29.73 15.49
C ASP A 220 -13.36 -28.63 14.51
N ILE A 221 -13.02 -27.40 14.90
CA ILE A 221 -13.25 -26.19 14.09
C ILE A 221 -12.36 -26.13 12.85
N LEU A 222 -11.08 -26.44 13.05
CA LEU A 222 -10.14 -26.53 11.93
C LEU A 222 -10.55 -27.62 10.96
N GLN A 223 -10.99 -28.74 11.50
CA GLN A 223 -11.58 -29.77 10.66
C GLN A 223 -12.71 -29.18 9.82
N TYR A 224 -13.64 -28.47 10.46
CA TYR A 224 -14.76 -27.92 9.72
C TYR A 224 -14.32 -26.92 8.68
N VAL A 225 -13.28 -26.15 9.00
CA VAL A 225 -12.70 -25.22 8.02
C VAL A 225 -12.13 -25.98 6.83
N LYS A 226 -11.33 -27.01 7.11
CA LYS A 226 -10.75 -27.84 6.06
C LYS A 226 -11.83 -28.38 5.11
N GLU A 227 -12.92 -28.88 5.70
CA GLU A 227 -14.01 -29.45 4.93
C GLU A 227 -14.80 -28.41 4.16
N GLY A 228 -14.51 -27.12 4.39
CA GLY A 228 -15.19 -26.07 3.67
C GLY A 228 -16.57 -25.74 4.24
N VAL A 229 -16.80 -26.14 5.48
CA VAL A 229 -18.10 -25.95 6.12
C VAL A 229 -18.15 -24.65 6.93
N ILE A 230 -17.07 -24.36 7.66
CA ILE A 230 -16.89 -23.06 8.27
C ILE A 230 -15.96 -22.20 7.38
N GLN A 231 -16.45 -21.02 7.01
CA GLN A 231 -15.77 -20.13 6.08
C GLN A 231 -14.78 -19.24 6.78
N ALA A 232 -14.94 -19.09 8.08
CA ALA A 232 -14.07 -18.20 8.83
C ALA A 232 -14.31 -18.30 10.32
N THR A 233 -13.22 -18.46 11.07
CA THR A 233 -13.29 -18.50 12.52
C THR A 233 -12.20 -17.59 13.09
N MET A 234 -12.47 -17.01 14.25
CA MET A 234 -11.56 -16.07 14.86
C MET A 234 -10.67 -16.82 15.83
N GLY A 235 -9.45 -17.10 15.38
CA GLY A 235 -8.46 -17.74 16.24
C GLY A 235 -7.83 -16.71 17.15
N GLN A 236 -7.83 -17.02 18.44
CA GLN A 236 -7.24 -16.13 19.42
C GLN A 236 -5.75 -16.40 19.49
N ARG A 237 -5.02 -15.56 20.20
CA ARG A 237 -3.56 -15.68 20.19
C ARG A 237 -3.00 -15.80 21.59
N PRO A 238 -3.24 -16.96 22.22
CA PRO A 238 -2.74 -17.23 23.58
C PRO A 238 -1.22 -17.11 23.66
N TYR A 239 -0.53 -17.58 22.63
CA TYR A 239 0.91 -17.55 22.63
C TYR A 239 1.39 -16.12 22.87
N MET A 240 0.83 -15.20 22.10
CA MET A 240 1.23 -13.81 22.18
C MET A 240 0.93 -13.21 23.55
N MET A 241 0.07 -13.88 24.31
CA MET A 241 -0.35 -13.33 25.60
C MET A 241 0.76 -13.50 26.59
N GLY A 242 1.24 -14.73 26.75
CA GLY A 242 2.37 -15.02 27.61
C GLY A 242 3.63 -14.31 27.13
N TYR A 243 3.88 -14.37 25.83
CA TYR A 243 5.01 -13.66 25.25
C TYR A 243 5.10 -12.21 25.71
N LEU A 244 4.01 -11.46 25.52
CA LEU A 244 4.05 -10.04 25.82
C LEU A 244 3.91 -9.81 27.31
N SER A 245 3.34 -10.76 28.02
CA SER A 245 3.29 -10.69 29.46
C SER A 245 4.70 -10.74 30.03
N VAL A 246 5.58 -11.50 29.37
CA VAL A 246 6.97 -11.58 29.78
C VAL A 246 7.72 -10.31 29.38
N THR A 247 7.71 -10.00 28.08
CA THR A 247 8.34 -8.79 27.56
C THR A 247 7.98 -7.58 28.39
N VAL A 248 6.67 -7.34 28.53
CA VAL A 248 6.19 -6.17 29.25
C VAL A 248 6.73 -6.14 30.66
N LEU A 249 6.82 -7.31 31.29
CA LEU A 249 7.26 -7.39 32.67
C LEU A 249 8.76 -7.22 32.75
N TYR A 250 9.43 -7.61 31.67
CA TYR A 250 10.87 -7.50 31.58
C TYR A 250 11.22 -6.03 31.51
N LEU A 251 10.58 -5.30 30.61
CA LEU A 251 10.85 -3.89 30.46
C LEU A 251 10.65 -3.14 31.77
N MET A 252 9.66 -3.55 32.56
CA MET A 252 9.35 -2.82 33.79
C MET A 252 10.47 -2.94 34.81
N ASN A 253 11.24 -4.02 34.71
CA ASN A 253 12.48 -4.16 35.47
C ASN A 253 13.62 -3.34 34.84
N LYS A 254 13.75 -3.41 33.51
CA LYS A 254 14.85 -2.77 32.81
C LYS A 254 14.77 -1.25 32.74
N ILE A 255 13.66 -0.71 32.25
CA ILE A 255 13.52 0.74 32.09
C ILE A 255 12.58 1.39 33.10
N GLY A 256 12.11 0.62 34.08
CA GLY A 256 11.13 1.13 35.04
C GLY A 256 9.70 0.93 34.56
N VAL A 257 8.76 1.00 35.50
CA VAL A 257 7.35 0.78 35.17
C VAL A 257 6.79 1.93 34.35
N GLN A 258 7.09 3.15 34.79
CA GLN A 258 6.61 4.36 34.16
C GLN A 258 6.94 4.39 32.67
N ASN A 259 8.23 4.26 32.35
CA ASN A 259 8.70 4.29 30.96
C ASN A 259 8.09 3.19 30.10
N THR A 260 7.76 2.07 30.72
CA THR A 260 7.15 0.95 30.01
C THR A 260 5.71 1.26 29.62
N LEU A 261 4.96 1.82 30.56
CA LEU A 261 3.58 2.21 30.31
C LEU A 261 3.55 3.15 29.12
N MET A 262 4.41 4.15 29.14
CA MET A 262 4.37 5.22 28.15
C MET A 262 4.45 4.70 26.71
N MET A 263 4.86 3.45 26.56
CA MET A 263 5.05 2.86 25.25
C MET A 263 3.76 2.19 24.80
N LEU A 264 2.92 1.88 25.79
CA LEU A 264 1.79 1.00 25.60
C LEU A 264 0.51 1.77 25.23
N PRO A 265 -0.50 1.05 24.71
CA PRO A 265 -1.79 1.66 24.36
C PRO A 265 -2.58 2.16 25.57
N LYS A 266 -3.19 3.33 25.40
CA LYS A 266 -3.73 4.10 26.50
C LYS A 266 -5.24 4.13 26.42
N VAL A 267 -5.90 3.76 27.51
CA VAL A 267 -7.35 3.83 27.59
C VAL A 267 -7.75 4.54 28.87
N LYS A 268 -8.82 5.33 28.80
CA LYS A 268 -9.32 5.96 30.01
C LYS A 268 -10.57 5.23 30.42
N VAL A 269 -10.68 4.97 31.72
CA VAL A 269 -11.86 4.37 32.31
C VAL A 269 -12.32 5.32 33.40
N ASP A 270 -13.47 5.96 33.20
CA ASP A 270 -13.99 6.95 34.14
C ASP A 270 -12.92 7.90 34.66
N GLY A 271 -12.13 8.48 33.75
CA GLY A 271 -11.12 9.47 34.09
C GLY A 271 -9.80 8.86 34.51
N LYS A 272 -9.82 7.55 34.74
CA LYS A 272 -8.64 6.81 35.15
C LYS A 272 -7.88 6.31 33.92
N VAL A 273 -6.57 6.54 33.90
CA VAL A 273 -5.72 6.07 32.81
C VAL A 273 -5.45 4.60 32.97
N ASP A 274 -5.68 3.83 31.92
CA ASP A 274 -5.31 2.41 31.93
C ASP A 274 -4.60 1.98 30.65
N TYR A 275 -3.93 0.84 30.71
CA TYR A 275 -3.12 0.36 29.59
C TYR A 275 -3.53 -1.05 29.30
N VAL A 276 -3.82 -1.32 28.03
CA VAL A 276 -4.37 -2.61 27.68
C VAL A 276 -3.84 -3.00 26.32
N ILE A 277 -3.32 -4.22 26.22
CA ILE A 277 -2.89 -4.76 24.94
C ILE A 277 -3.86 -5.78 24.36
N ASP A 278 -4.36 -5.51 23.17
CA ASP A 278 -5.23 -6.43 22.47
C ASP A 278 -4.38 -7.34 21.57
N THR A 279 -4.30 -8.61 21.94
CA THR A 279 -3.54 -9.58 21.16
C THR A 279 -4.21 -9.93 19.84
N GLY A 280 -5.41 -9.40 19.61
CA GLY A 280 -6.14 -9.63 18.37
C GLY A 280 -6.46 -11.08 18.00
N VAL A 281 -6.79 -11.27 16.73
CA VAL A 281 -7.33 -12.54 16.27
C VAL A 281 -6.86 -12.91 14.87
N ASP A 282 -6.62 -14.20 14.63
CA ASP A 282 -6.32 -14.65 13.27
C ASP A 282 -7.62 -15.03 12.56
N VAL A 283 -7.86 -14.45 11.40
CA VAL A 283 -9.06 -14.79 10.62
C VAL A 283 -8.77 -15.98 9.71
N VAL A 284 -8.99 -17.18 10.23
CA VAL A 284 -8.64 -18.39 9.53
C VAL A 284 -9.80 -18.86 8.65
N THR A 285 -9.47 -19.30 7.45
CA THR A 285 -10.48 -19.53 6.42
C THR A 285 -10.08 -20.73 5.59
N PRO A 286 -11.02 -21.34 4.86
CA PRO A 286 -10.63 -22.47 4.02
C PRO A 286 -9.42 -22.17 3.13
N GLU A 287 -9.33 -20.95 2.62
CA GLU A 287 -8.25 -20.62 1.69
C GLU A 287 -6.90 -20.32 2.37
N ASN A 288 -6.92 -19.78 3.58
CA ASN A 288 -5.68 -19.47 4.29
C ASN A 288 -5.34 -20.46 5.43
N LEU A 289 -6.01 -21.60 5.45
CA LEU A 289 -5.85 -22.55 6.54
C LEU A 289 -4.48 -23.16 6.55
N ASP A 290 -4.01 -23.60 5.38
N ASP A 290 -4.01 -23.57 5.37
CA ASP A 290 -2.66 -24.16 5.26
CA ASP A 290 -2.67 -24.15 5.24
C ASP A 290 -1.61 -23.20 5.82
C ASP A 290 -1.59 -23.21 5.77
N GLU A 291 -1.73 -21.93 5.46
CA GLU A 291 -0.80 -20.93 5.94
C GLU A 291 -0.84 -20.89 7.48
N TYR A 292 -2.04 -20.82 8.05
CA TYR A 292 -2.19 -20.76 9.51
C TYR A 292 -1.55 -21.95 10.21
N LEU A 293 -1.67 -23.13 9.63
CA LEU A 293 -1.07 -24.34 10.21
C LEU A 293 0.44 -24.22 10.30
N LYS A 294 1.06 -23.83 9.19
CA LYS A 294 2.50 -23.63 9.13
C LYS A 294 2.95 -22.63 10.20
N LYS A 295 2.32 -21.46 10.20
CA LYS A 295 2.63 -20.42 11.16
C LYS A 295 2.65 -20.99 12.57
N MET A 296 1.71 -21.89 12.84
CA MET A 296 1.56 -22.45 14.16
C MET A 296 2.62 -23.49 14.42
N GLU A 297 2.85 -24.37 13.44
CA GLU A 297 3.98 -25.28 13.48
C GLU A 297 5.26 -24.54 13.87
N GLU A 298 5.58 -23.49 13.10
CA GLU A 298 6.80 -22.74 13.31
C GLU A 298 6.93 -22.22 14.73
N LEU A 299 5.82 -21.81 15.32
CA LEU A 299 5.85 -21.34 16.70
C LEU A 299 6.06 -22.51 17.62
N GLY A 300 6.09 -23.70 17.03
CA GLY A 300 6.29 -24.90 17.81
C GLY A 300 5.00 -25.31 18.51
N ILE A 301 3.89 -24.87 17.93
CA ILE A 301 2.60 -25.33 18.39
C ILE A 301 2.16 -26.48 17.49
N PRO A 302 1.86 -27.63 18.10
CA PRO A 302 1.42 -28.77 17.30
C PRO A 302 -0.01 -28.53 16.94
N ILE A 303 -0.52 -29.24 15.94
CA ILE A 303 -1.93 -29.17 15.65
C ILE A 303 -2.52 -30.54 15.35
N LYS A 304 -3.49 -30.95 16.16
CA LYS A 304 -4.28 -32.15 15.86
C LYS A 304 -5.40 -31.71 14.93
N PHE A 305 -6.47 -32.48 14.86
CA PHE A 305 -7.52 -32.18 13.91
C PHE A 305 -8.81 -32.89 14.28
N MET B 1 -3.02 -19.85 1.32
CA MET B 1 -2.72 -20.52 0.07
C MET B 1 -1.21 -20.67 -0.09
N LEU B 2 -0.75 -20.99 -1.30
CA LEU B 2 0.68 -21.21 -1.53
C LEU B 2 1.48 -20.04 -2.10
N THR B 3 2.73 -19.93 -1.64
CA THR B 3 3.65 -18.89 -2.11
C THR B 3 4.97 -19.48 -2.62
N ILE B 4 5.23 -19.30 -3.92
CA ILE B 4 6.44 -19.81 -4.53
C ILE B 4 7.33 -18.67 -5.02
N GLY B 5 8.61 -18.74 -4.66
CA GLY B 5 9.60 -17.75 -5.04
C GLY B 5 10.46 -18.16 -6.23
N VAL B 6 10.62 -17.24 -7.17
CA VAL B 6 11.43 -17.48 -8.36
C VAL B 6 12.49 -16.39 -8.58
N ILE B 7 13.75 -16.78 -8.61
CA ILE B 7 14.85 -15.82 -8.77
C ILE B 7 15.59 -15.97 -10.11
N GLY B 8 15.50 -14.95 -10.95
CA GLY B 8 16.20 -14.92 -12.22
C GLY B 8 17.63 -14.41 -12.09
N LYS B 9 18.17 -13.87 -13.18
CA LYS B 9 19.58 -13.45 -13.16
C LYS B 9 19.77 -11.93 -13.32
N SER B 10 19.08 -11.35 -14.30
CA SER B 10 19.08 -9.89 -14.48
C SER B 10 17.76 -9.48 -15.14
N VAL B 11 17.61 -8.19 -15.41
CA VAL B 11 16.36 -7.63 -15.92
C VAL B 11 15.95 -8.02 -17.37
N HIS B 12 16.94 -8.33 -18.22
CA HIS B 12 16.71 -8.76 -19.61
C HIS B 12 15.28 -9.27 -19.97
N PRO B 13 14.84 -8.98 -21.21
CA PRO B 13 13.56 -9.45 -21.75
C PRO B 13 13.38 -10.97 -21.65
N TYR B 14 14.46 -11.70 -21.86
CA TYR B 14 14.47 -13.15 -21.65
C TYR B 14 13.83 -13.46 -20.31
N TRP B 15 14.33 -12.81 -19.26
CA TRP B 15 13.86 -13.02 -17.89
C TRP B 15 12.47 -12.44 -17.62
N SER B 16 11.92 -11.69 -18.57
CA SER B 16 10.54 -11.29 -18.46
C SER B 16 9.68 -12.39 -19.02
N GLN B 17 10.27 -13.18 -19.91
CA GLN B 17 9.57 -14.30 -20.53
C GLN B 17 9.48 -15.42 -19.52
N VAL B 18 10.45 -15.47 -18.63
CA VAL B 18 10.38 -16.41 -17.53
C VAL B 18 9.30 -15.91 -16.57
N GLU B 19 9.37 -14.64 -16.22
CA GLU B 19 8.39 -14.01 -15.35
C GLU B 19 6.95 -14.38 -15.77
N GLN B 20 6.69 -14.35 -17.06
CA GLN B 20 5.33 -14.58 -17.52
C GLN B 20 4.91 -16.04 -17.41
N GLY B 21 5.86 -16.95 -17.58
CA GLY B 21 5.57 -18.35 -17.41
C GLY B 21 5.21 -18.56 -15.95
N VAL B 22 6.05 -18.01 -15.08
CA VAL B 22 5.83 -18.03 -13.65
C VAL B 22 4.39 -17.62 -13.36
N LYS B 23 4.01 -16.43 -13.86
CA LYS B 23 2.69 -15.86 -13.61
C LYS B 23 1.54 -16.69 -14.19
N ALA B 24 1.73 -17.23 -15.38
CA ALA B 24 0.70 -18.06 -15.99
C ALA B 24 0.43 -19.31 -15.15
N ALA B 25 1.48 -19.89 -14.60
CA ALA B 25 1.35 -21.08 -13.80
C ALA B 25 0.61 -20.80 -12.48
N GLY B 26 0.85 -19.61 -11.92
CA GLY B 26 0.22 -19.22 -10.67
C GLY B 26 -1.28 -19.10 -10.81
N LYS B 27 -1.71 -18.48 -11.91
CA LYS B 27 -3.12 -18.32 -12.21
C LYS B 27 -3.80 -19.67 -12.36
N ALA B 28 -3.19 -20.55 -13.14
CA ALA B 28 -3.82 -21.80 -13.53
C ALA B 28 -3.83 -22.87 -12.43
N LEU B 29 -2.96 -22.72 -11.43
CA LEU B 29 -2.95 -23.65 -10.31
C LEU B 29 -3.44 -22.95 -9.06
N GLY B 30 -3.66 -21.63 -9.18
CA GLY B 30 -4.13 -20.83 -8.08
C GLY B 30 -3.10 -20.72 -6.97
N VAL B 31 -1.92 -20.24 -7.34
CA VAL B 31 -0.88 -20.08 -6.35
C VAL B 31 -0.22 -18.72 -6.51
N ASP B 32 0.28 -18.18 -5.41
CA ASP B 32 0.95 -16.89 -5.46
C ASP B 32 2.41 -17.06 -5.84
N THR B 33 2.89 -16.17 -6.70
CA THR B 33 4.25 -16.22 -7.19
C THR B 33 4.98 -14.91 -6.95
N LYS B 34 6.21 -15.02 -6.44
CA LYS B 34 7.06 -13.85 -6.31
C LYS B 34 8.35 -14.04 -7.13
N PHE B 35 8.44 -13.28 -8.22
CA PHE B 35 9.57 -13.34 -9.14
C PHE B 35 10.51 -12.16 -8.91
N PHE B 36 11.80 -12.45 -8.79
CA PHE B 36 12.78 -11.39 -8.58
C PHE B 36 14.00 -11.45 -9.49
N VAL B 37 14.35 -10.30 -10.08
CA VAL B 37 15.61 -10.16 -10.79
C VAL B 37 16.29 -8.84 -10.45
N PRO B 38 17.56 -8.89 -10.03
CA PRO B 38 18.29 -7.64 -9.80
C PRO B 38 18.42 -6.91 -11.13
N GLN B 39 18.72 -5.63 -11.09
CA GLN B 39 18.85 -4.88 -12.32
C GLN B 39 19.87 -5.52 -13.26
N LYS B 40 21.01 -5.92 -12.71
CA LYS B 40 22.05 -6.54 -13.49
C LYS B 40 22.64 -7.72 -12.74
N CYS B 41 23.33 -8.59 -13.46
CA CYS B 41 24.05 -9.73 -12.87
C CYS B 41 24.61 -9.37 -11.49
N ASP B 42 24.20 -10.12 -10.47
CA ASP B 42 24.71 -9.91 -9.12
C ASP B 42 24.31 -11.05 -8.17
N ILE B 43 25.25 -11.93 -7.89
CA ILE B 43 24.97 -13.08 -7.02
C ILE B 43 24.49 -12.67 -5.64
N ASN B 44 25.04 -11.59 -5.11
CA ASN B 44 24.69 -11.16 -3.76
C ASN B 44 23.25 -10.68 -3.61
N ALA B 45 22.74 -10.02 -4.65
CA ALA B 45 21.33 -9.64 -4.70
C ALA B 45 20.45 -10.89 -4.73
N GLN B 46 20.88 -11.89 -5.50
CA GLN B 46 20.21 -13.18 -5.52
C GLN B 46 20.25 -13.85 -4.15
N LEU B 47 21.47 -14.00 -3.63
CA LEU B 47 21.71 -14.74 -2.41
C LEU B 47 20.97 -14.12 -1.23
N GLN B 48 20.79 -12.80 -1.26
CA GLN B 48 20.06 -12.14 -0.19
C GLN B 48 18.57 -12.37 -0.39
N MET B 49 18.15 -12.29 -1.65
CA MET B 49 16.76 -12.51 -1.99
C MET B 49 16.34 -13.92 -1.64
N LEU B 50 17.27 -14.86 -1.80
CA LEU B 50 17.06 -16.25 -1.41
C LEU B 50 16.78 -16.29 0.08
N GLU B 51 17.60 -15.55 0.83
CA GLU B 51 17.49 -15.46 2.28
C GLU B 51 16.14 -14.90 2.69
N SER B 52 15.63 -13.95 1.91
CA SER B 52 14.34 -13.33 2.18
C SER B 52 13.20 -14.32 2.02
N PHE B 53 13.19 -15.05 0.91
CA PHE B 53 12.19 -16.07 0.67
C PHE B 53 12.16 -17.06 1.83
N ILE B 54 13.34 -17.46 2.28
CA ILE B 54 13.45 -18.38 3.40
C ILE B 54 12.82 -17.76 4.63
N ALA B 55 13.33 -16.60 5.03
CA ALA B 55 12.79 -15.86 6.16
C ALA B 55 11.27 -15.72 6.03
N GLU B 56 10.84 -15.14 4.93
CA GLU B 56 9.43 -14.91 4.63
C GLU B 56 8.57 -16.19 4.74
N GLY B 57 9.21 -17.35 4.68
CA GLY B 57 8.51 -18.62 4.78
C GLY B 57 7.75 -19.07 3.54
N VAL B 58 8.29 -18.82 2.35
CA VAL B 58 7.66 -19.33 1.12
C VAL B 58 7.56 -20.86 1.11
N ASN B 59 6.82 -21.39 0.14
CA ASN B 59 6.57 -22.83 0.09
C ASN B 59 7.44 -23.57 -0.92
N GLY B 60 8.03 -22.83 -1.86
CA GLY B 60 8.84 -23.41 -2.89
C GLY B 60 9.72 -22.37 -3.54
N ILE B 61 10.97 -22.73 -3.84
CA ILE B 61 11.90 -21.81 -4.50
C ILE B 61 12.46 -22.39 -5.79
N ALA B 62 12.51 -21.54 -6.82
CA ALA B 62 13.20 -21.84 -8.06
C ALA B 62 14.21 -20.73 -8.31
N ILE B 63 15.46 -21.11 -8.53
CA ILE B 63 16.50 -20.13 -8.79
C ILE B 63 17.26 -20.44 -10.08
N ALA B 64 17.76 -19.40 -10.71
CA ALA B 64 18.77 -19.52 -11.76
C ALA B 64 20.03 -18.85 -11.26
N PRO B 65 20.94 -19.62 -10.64
CA PRO B 65 22.14 -19.12 -9.97
C PRO B 65 23.13 -18.43 -10.91
N SER B 66 23.61 -17.25 -10.53
CA SER B 66 24.67 -16.59 -11.29
C SER B 66 25.99 -17.21 -10.87
N ASP B 67 26.05 -17.65 -9.61
CA ASP B 67 27.16 -18.47 -9.16
C ASP B 67 26.61 -19.79 -8.64
N PRO B 68 26.73 -20.84 -9.47
CA PRO B 68 26.25 -22.20 -9.19
C PRO B 68 26.78 -22.71 -7.87
N THR B 69 27.92 -22.19 -7.45
CA THR B 69 28.59 -22.72 -6.26
C THR B 69 28.22 -21.97 -4.99
N ALA B 70 28.14 -20.64 -5.12
CA ALA B 70 27.89 -19.78 -3.96
C ALA B 70 26.48 -20.00 -3.38
N VAL B 71 25.55 -20.43 -4.23
CA VAL B 71 24.17 -20.66 -3.81
C VAL B 71 24.04 -21.88 -2.90
N ILE B 72 24.93 -22.84 -3.09
CA ILE B 72 24.82 -24.13 -2.46
C ILE B 72 24.45 -24.11 -0.96
N PRO B 73 25.20 -23.37 -0.14
CA PRO B 73 24.88 -23.41 1.29
C PRO B 73 23.48 -22.85 1.58
N THR B 74 23.13 -21.75 0.92
CA THR B 74 21.81 -21.15 1.12
C THR B 74 20.72 -22.13 0.75
N ILE B 75 20.87 -22.76 -0.41
CA ILE B 75 19.92 -23.79 -0.84
C ILE B 75 19.81 -24.91 0.20
N LYS B 76 20.96 -25.39 0.65
CA LYS B 76 20.98 -26.40 1.70
C LYS B 76 20.10 -25.98 2.89
N LYS B 77 20.18 -24.70 3.24
CA LYS B 77 19.47 -24.16 4.40
C LYS B 77 17.96 -24.20 4.22
N ALA B 78 17.50 -23.91 3.01
CA ALA B 78 16.08 -23.87 2.68
C ALA B 78 15.47 -25.26 2.74
N LEU B 79 16.24 -26.23 2.28
CA LEU B 79 15.81 -27.61 2.33
C LEU B 79 15.59 -28.05 3.78
N GLU B 80 16.45 -27.60 4.68
CA GLU B 80 16.32 -27.93 6.10
C GLU B 80 15.13 -27.26 6.77
N MET B 81 14.59 -26.23 6.13
CA MET B 81 13.40 -25.57 6.65
C MET B 81 12.17 -26.20 6.04
N GLY B 82 12.38 -27.15 5.14
CA GLY B 82 11.29 -27.86 4.53
C GLY B 82 10.81 -27.18 3.27
N ILE B 83 11.56 -26.16 2.83
CA ILE B 83 11.31 -25.53 1.53
C ILE B 83 12.00 -26.29 0.38
N PRO B 84 11.20 -26.74 -0.59
CA PRO B 84 11.64 -27.44 -1.81
C PRO B 84 12.35 -26.50 -2.75
N VAL B 85 13.52 -26.90 -3.28
CA VAL B 85 14.20 -26.09 -4.29
C VAL B 85 14.33 -26.77 -5.67
N VAL B 86 14.28 -25.96 -6.70
CA VAL B 86 14.59 -26.42 -8.05
C VAL B 86 15.34 -25.32 -8.76
N THR B 87 15.97 -25.68 -9.87
CA THR B 87 16.78 -24.72 -10.59
C THR B 87 16.30 -24.60 -12.02
N LEU B 88 16.36 -23.38 -12.55
CA LEU B 88 16.03 -23.15 -13.95
C LEU B 88 17.15 -22.41 -14.70
N ASP B 89 17.15 -22.53 -16.02
CA ASP B 89 18.04 -21.81 -16.92
C ASP B 89 19.51 -22.18 -16.78
N THR B 90 20.05 -22.05 -15.58
CA THR B 90 21.39 -22.53 -15.29
C THR B 90 21.37 -23.34 -14.01
N ASP B 91 22.07 -24.48 -14.04
CA ASP B 91 21.99 -25.52 -13.03
C ASP B 91 23.07 -25.40 -11.96
N SER B 92 22.75 -25.92 -10.79
CA SER B 92 23.70 -26.08 -9.71
C SER B 92 23.53 -27.53 -9.28
N PRO B 93 24.17 -28.46 -9.98
CA PRO B 93 23.94 -29.90 -9.84
C PRO B 93 24.26 -30.43 -8.45
N ASP B 94 25.13 -29.74 -7.72
CA ASP B 94 25.58 -30.25 -6.43
C ASP B 94 25.00 -29.48 -5.24
N SER B 95 23.86 -28.83 -5.46
CA SER B 95 23.34 -27.87 -4.47
C SER B 95 22.27 -28.44 -3.55
N GLY B 96 21.71 -29.59 -3.92
CA GLY B 96 20.64 -30.19 -3.15
C GLY B 96 19.31 -29.99 -3.82
N ARG B 97 19.30 -29.15 -4.86
CA ARG B 97 18.11 -28.91 -5.66
C ARG B 97 17.55 -30.21 -6.22
N TYR B 98 16.23 -30.36 -6.13
CA TYR B 98 15.55 -31.61 -6.50
C TYR B 98 15.48 -31.84 -8.01
N VAL B 99 15.36 -30.76 -8.77
CA VAL B 99 15.14 -30.87 -10.20
C VAL B 99 15.76 -29.69 -10.92
N TYR B 100 16.37 -29.95 -12.07
CA TYR B 100 16.81 -28.88 -12.95
C TYR B 100 15.87 -28.77 -14.15
N ILE B 101 15.53 -27.53 -14.52
CA ILE B 101 14.63 -27.27 -15.63
C ILE B 101 15.22 -26.19 -16.55
N GLY B 102 15.54 -26.56 -17.77
CA GLY B 102 16.18 -25.62 -18.70
C GLY B 102 16.55 -26.26 -20.03
N THR B 103 17.15 -25.49 -20.92
CA THR B 103 17.48 -25.98 -22.26
C THR B 103 18.56 -27.06 -22.23
N ASP B 104 18.30 -28.18 -22.89
CA ASP B 104 19.30 -29.22 -23.05
C ASP B 104 20.13 -28.85 -24.26
N ASN B 105 21.35 -28.39 -24.02
CA ASN B 105 22.18 -27.84 -25.08
C ASN B 105 22.64 -28.88 -26.09
N TYR B 106 23.04 -30.04 -25.60
CA TYR B 106 23.40 -31.09 -26.52
C TYR B 106 22.21 -31.30 -27.44
N GLN B 107 21.05 -31.55 -26.84
CA GLN B 107 19.86 -31.89 -27.60
C GLN B 107 19.46 -30.82 -28.61
N ALA B 108 19.43 -29.57 -28.15
CA ALA B 108 19.27 -28.42 -29.04
C ALA B 108 20.26 -28.45 -30.22
N GLY B 109 21.56 -28.46 -29.89
CA GLY B 109 22.60 -28.55 -30.90
C GLY B 109 22.33 -29.62 -31.94
N TYR B 110 21.91 -30.79 -31.47
CA TYR B 110 21.53 -31.89 -32.35
C TYR B 110 20.41 -31.45 -33.32
N THR B 111 19.32 -30.93 -32.75
CA THR B 111 18.21 -30.40 -33.53
C THR B 111 18.69 -29.50 -34.66
N ALA B 112 19.59 -28.57 -34.34
CA ALA B 112 20.14 -27.67 -35.35
C ALA B 112 20.90 -28.43 -36.43
N GLY B 113 21.57 -29.50 -36.00
CA GLY B 113 22.29 -30.37 -36.91
C GLY B 113 21.35 -31.01 -37.92
N LEU B 114 20.33 -31.72 -37.44
CA LEU B 114 19.41 -32.37 -38.38
C LEU B 114 18.83 -31.34 -39.35
N ILE B 115 18.50 -30.17 -38.83
CA ILE B 115 18.03 -29.08 -39.66
C ILE B 115 19.06 -28.73 -40.73
N MET B 116 20.31 -28.55 -40.32
CA MET B 116 21.38 -28.23 -41.28
C MET B 116 21.48 -29.32 -42.31
N LYS B 117 21.56 -30.55 -41.84
CA LYS B 117 21.67 -31.70 -42.71
C LYS B 117 20.60 -31.64 -43.82
N GLU B 118 19.38 -31.30 -43.44
CA GLU B 118 18.27 -31.33 -44.38
C GLU B 118 18.41 -30.21 -45.40
N LEU B 119 18.81 -29.04 -44.91
CA LEU B 119 18.97 -27.85 -45.77
C LEU B 119 20.05 -28.03 -46.82
N LEU B 120 21.17 -28.65 -46.42
CA LEU B 120 22.31 -28.86 -47.31
C LEU B 120 22.23 -30.14 -48.15
N GLY B 121 21.22 -30.96 -47.93
CA GLY B 121 21.07 -32.20 -48.66
C GLY B 121 22.12 -33.26 -48.38
N GLY B 122 22.64 -33.28 -47.14
CA GLY B 122 23.60 -34.28 -46.72
C GLY B 122 25.03 -34.02 -47.20
N LYS B 123 25.19 -33.00 -48.02
CA LYS B 123 26.48 -32.68 -48.61
C LYS B 123 26.78 -31.21 -48.39
N GLY B 124 27.99 -30.88 -47.95
CA GLY B 124 28.39 -29.49 -47.85
C GLY B 124 29.51 -29.13 -46.90
N LYS B 125 29.93 -27.86 -46.95
CA LYS B 125 30.98 -27.34 -46.06
C LYS B 125 30.40 -26.30 -45.12
N VAL B 126 30.76 -26.40 -43.85
CA VAL B 126 30.19 -25.54 -42.82
C VAL B 126 31.24 -24.82 -41.97
N VAL B 127 30.99 -23.56 -41.67
CA VAL B 127 31.82 -22.88 -40.68
C VAL B 127 30.97 -22.62 -39.45
N ILE B 128 31.55 -22.76 -38.27
CA ILE B 128 30.85 -22.53 -37.02
C ILE B 128 31.34 -21.24 -36.38
N GLY B 129 30.42 -20.42 -35.91
CA GLY B 129 30.79 -19.23 -35.15
C GLY B 129 30.28 -19.34 -33.72
N THR B 130 31.21 -19.40 -32.77
CA THR B 130 30.84 -19.42 -31.37
C THR B 130 31.64 -18.38 -30.59
N GLY B 131 31.24 -18.14 -29.34
CA GLY B 131 31.92 -17.15 -28.52
C GLY B 131 32.83 -17.70 -27.42
N SER B 132 32.75 -19.01 -27.17
CA SER B 132 33.61 -19.67 -26.18
C SER B 132 33.91 -21.12 -26.56
N LEU B 133 35.09 -21.60 -26.15
CA LEU B 133 35.49 -22.96 -26.44
C LEU B 133 35.74 -23.74 -25.16
N THR B 134 35.38 -23.12 -24.05
CA THR B 134 35.43 -23.77 -22.75
C THR B 134 34.03 -24.04 -22.17
N ALA B 135 33.13 -23.08 -22.37
CA ALA B 135 31.79 -23.15 -21.78
C ALA B 135 31.00 -24.37 -22.22
N MET B 136 30.27 -24.95 -21.28
CA MET B 136 29.46 -26.14 -21.53
C MET B 136 28.39 -25.92 -22.59
N ASN B 137 27.64 -24.84 -22.47
CA ASN B 137 26.56 -24.60 -23.43
C ASN B 137 27.08 -24.59 -24.85
N SER B 138 28.24 -23.96 -25.04
CA SER B 138 28.87 -23.86 -26.35
C SER B 138 29.35 -25.22 -26.83
N LEU B 139 29.99 -25.95 -25.93
CA LEU B 139 30.54 -27.24 -26.29
C LEU B 139 29.47 -28.24 -26.65
N GLN B 140 28.37 -28.22 -25.90
CA GLN B 140 27.29 -29.17 -26.08
C GLN B 140 26.49 -28.91 -27.35
N ARG B 141 26.26 -27.62 -27.65
CA ARG B 141 25.60 -27.25 -28.89
C ARG B 141 26.45 -27.69 -30.06
N ILE B 142 27.76 -27.62 -29.91
CA ILE B 142 28.67 -28.06 -30.96
C ILE B 142 28.82 -29.58 -31.02
N GLN B 143 28.92 -30.21 -29.86
CA GLN B 143 28.89 -31.66 -29.82
C GLN B 143 27.66 -32.22 -30.50
N GLY B 144 26.48 -31.69 -30.13
CA GLY B 144 25.23 -32.12 -30.71
C GLY B 144 25.21 -31.95 -32.22
N PHE B 145 25.47 -30.73 -32.67
CA PHE B 145 25.59 -30.45 -34.10
C PHE B 145 26.53 -31.46 -34.79
N LYS B 146 27.71 -31.69 -34.21
CA LYS B 146 28.69 -32.57 -34.84
C LYS B 146 28.12 -33.95 -35.03
N ASP B 147 27.49 -34.45 -33.97
CA ASP B 147 26.89 -35.77 -33.97
C ASP B 147 25.76 -35.89 -34.98
N ALA B 148 25.04 -34.81 -35.23
CA ALA B 148 23.86 -34.87 -36.08
C ALA B 148 24.20 -35.04 -37.55
N ILE B 149 25.37 -34.56 -37.96
CA ILE B 149 25.76 -34.58 -39.37
C ILE B 149 26.81 -35.66 -39.64
N LYS B 150 27.23 -36.34 -38.58
CA LYS B 150 28.27 -37.35 -38.67
C LYS B 150 28.08 -38.24 -39.89
N ASP B 151 26.92 -38.89 -39.98
CA ASP B 151 26.70 -39.89 -41.01
C ASP B 151 26.52 -39.29 -42.41
N SER B 152 26.74 -37.99 -42.54
CA SER B 152 26.58 -37.33 -43.84
C SER B 152 27.93 -36.90 -44.40
N GLU B 153 27.93 -36.46 -45.66
CA GLU B 153 29.14 -35.94 -46.28
C GLU B 153 29.45 -34.52 -45.84
N ILE B 154 28.60 -33.96 -44.99
CA ILE B 154 28.79 -32.58 -44.56
C ILE B 154 30.09 -32.45 -43.78
N GLU B 155 30.78 -31.33 -43.95
CA GLU B 155 32.11 -31.16 -43.40
C GLU B 155 32.30 -29.80 -42.74
N ILE B 156 32.69 -29.81 -41.46
CA ILE B 156 33.00 -28.59 -40.75
C ILE B 156 34.43 -28.16 -41.05
N VAL B 157 34.58 -27.00 -41.68
CA VAL B 157 35.90 -26.56 -42.14
C VAL B 157 36.58 -25.58 -41.18
N ASP B 158 35.83 -25.04 -40.24
CA ASP B 158 36.44 -24.14 -39.27
C ASP B 158 35.54 -23.95 -38.06
N ILE B 159 36.12 -23.49 -36.97
CA ILE B 159 35.36 -23.14 -35.78
C ILE B 159 35.90 -21.84 -35.18
N LEU B 160 35.30 -20.74 -35.58
CA LEU B 160 35.80 -19.42 -35.25
C LEU B 160 35.43 -18.94 -33.84
N ASN B 161 36.45 -18.73 -33.01
CA ASN B 161 36.21 -18.27 -31.64
C ASN B 161 36.46 -16.79 -31.46
N ASP B 162 35.40 -16.00 -31.40
CA ASP B 162 35.51 -14.54 -31.32
C ASP B 162 35.53 -14.09 -29.89
N CYS B 163 35.71 -15.03 -28.99
CA CYS B 163 35.82 -14.74 -27.56
C CYS B 163 34.81 -13.70 -27.06
N GLU B 164 33.51 -13.99 -27.22
CA GLU B 164 32.47 -13.09 -26.70
C GLU B 164 32.58 -11.70 -27.29
N ASP B 165 32.77 -11.61 -28.60
CA ASP B 165 32.93 -10.33 -29.22
C ASP B 165 32.33 -10.31 -30.62
N GLY B 166 31.26 -9.54 -30.79
CA GLY B 166 30.58 -9.44 -32.07
C GLY B 166 31.41 -8.78 -33.16
N ALA B 167 32.16 -7.74 -32.79
CA ALA B 167 33.07 -7.12 -33.75
C ALA B 167 33.91 -8.21 -34.38
N ARG B 168 34.61 -8.97 -33.55
CA ARG B 168 35.42 -10.06 -34.01
C ARG B 168 34.58 -11.01 -34.86
N ALA B 169 33.49 -11.51 -34.29
CA ALA B 169 32.55 -12.40 -34.98
C ALA B 169 32.31 -12.01 -36.44
N VAL B 170 31.99 -10.74 -36.68
CA VAL B 170 31.85 -10.20 -38.03
C VAL B 170 33.12 -10.38 -38.87
N SER B 171 34.27 -10.01 -38.29
CA SER B 171 35.56 -10.15 -38.98
C SER B 171 35.87 -11.60 -39.29
N LEU B 172 35.68 -12.44 -38.28
CA LEU B 172 35.88 -13.87 -38.43
C LEU B 172 35.00 -14.45 -39.54
N ALA B 173 33.71 -14.16 -39.53
CA ALA B 173 32.85 -14.63 -40.62
C ALA B 173 33.37 -14.21 -42.01
N GLU B 174 33.83 -12.97 -42.13
CA GLU B 174 34.35 -12.44 -43.40
C GLU B 174 35.59 -13.20 -43.84
N ALA B 175 36.46 -13.48 -42.87
CA ALA B 175 37.68 -14.24 -43.13
C ALA B 175 37.32 -15.58 -43.77
N ALA B 176 36.45 -16.33 -43.09
CA ALA B 176 35.95 -17.60 -43.62
C ALA B 176 35.35 -17.48 -45.01
N LEU B 177 34.59 -16.41 -45.24
CA LEU B 177 34.01 -16.20 -46.54
C LEU B 177 35.11 -16.00 -47.57
N ASN B 178 36.16 -15.29 -47.19
CA ASN B 178 37.28 -15.05 -48.11
C ASN B 178 38.18 -16.28 -48.26
N ALA B 179 38.44 -16.99 -47.18
CA ALA B 179 39.16 -18.27 -47.25
C ALA B 179 38.37 -19.38 -47.99
N HIS B 180 37.06 -19.43 -47.79
CA HIS B 180 36.24 -20.46 -48.44
C HIS B 180 35.19 -19.85 -49.36
N PRO B 181 35.48 -19.83 -50.66
CA PRO B 181 34.56 -19.28 -51.64
C PRO B 181 33.41 -20.25 -51.87
N ASP B 182 33.64 -21.53 -51.57
CA ASP B 182 32.65 -22.56 -51.76
C ASP B 182 31.95 -22.94 -50.45
N LEU B 183 31.95 -22.02 -49.48
CA LEU B 183 31.32 -22.30 -48.20
C LEU B 183 29.82 -22.46 -48.38
N ASP B 184 29.23 -23.43 -47.68
CA ASP B 184 27.81 -23.70 -47.84
C ASP B 184 26.96 -23.19 -46.69
N ALA B 185 27.55 -23.07 -45.50
CA ALA B 185 26.74 -22.67 -44.38
C ALA B 185 27.50 -22.15 -43.20
N PHE B 186 26.84 -21.27 -42.45
CA PHE B 186 27.29 -20.91 -41.12
C PHE B 186 26.39 -21.56 -40.11
N PHE B 187 26.95 -21.86 -38.95
CA PHE B 187 26.16 -22.28 -37.83
C PHE B 187 26.64 -21.43 -36.69
N GLY B 188 25.73 -20.70 -36.05
CA GLY B 188 26.07 -19.79 -34.98
C GLY B 188 25.54 -20.23 -33.62
N VAL B 189 26.40 -20.19 -32.61
CA VAL B 189 26.15 -20.90 -31.37
C VAL B 189 25.49 -20.05 -30.30
N TYR B 190 26.05 -18.88 -30.04
CA TYR B 190 25.43 -17.90 -29.16
C TYR B 190 24.55 -16.97 -29.97
N ALA B 191 23.82 -16.12 -29.25
CA ALA B 191 22.84 -15.25 -29.88
C ALA B 191 23.49 -14.21 -30.80
N TYR B 192 24.76 -13.89 -30.51
CA TYR B 192 25.56 -12.90 -31.23
C TYR B 192 25.77 -13.30 -32.69
N ASN B 193 25.76 -14.61 -32.90
CA ASN B 193 26.42 -15.22 -34.05
C ASN B 193 25.62 -15.28 -35.33
N GLY B 194 24.36 -15.69 -35.23
CA GLY B 194 23.50 -15.72 -36.40
C GLY B 194 23.46 -14.37 -37.08
N PRO B 195 23.23 -13.31 -36.30
CA PRO B 195 23.09 -12.00 -36.94
C PRO B 195 24.43 -11.53 -37.50
N ALA B 196 25.53 -11.80 -36.78
CA ALA B 196 26.86 -11.47 -37.27
C ALA B 196 27.09 -12.17 -38.60
N GLN B 197 26.78 -13.46 -38.63
CA GLN B 197 26.95 -14.25 -39.83
C GLN B 197 26.06 -13.69 -40.93
N ALA B 198 24.84 -13.30 -40.56
CA ALA B 198 23.84 -12.84 -41.52
C ALA B 198 24.26 -11.50 -42.13
N LEU B 199 24.76 -10.62 -41.29
CA LEU B 199 25.33 -9.37 -41.77
C LEU B 199 26.37 -9.64 -42.85
N VAL B 200 27.30 -10.54 -42.57
CA VAL B 200 28.39 -10.84 -43.49
C VAL B 200 27.89 -11.48 -44.79
N VAL B 201 26.94 -12.41 -44.67
CA VAL B 201 26.39 -13.09 -45.84
C VAL B 201 25.67 -12.11 -46.76
N LYS B 202 24.84 -11.30 -46.14
CA LYS B 202 24.08 -10.30 -46.87
C LYS B 202 25.01 -9.32 -47.59
N ASN B 203 25.99 -8.79 -46.84
CA ASN B 203 27.02 -7.90 -47.38
C ASN B 203 27.80 -8.53 -48.54
N ALA B 204 27.95 -9.85 -48.51
CA ALA B 204 28.69 -10.57 -49.55
C ALA B 204 27.83 -10.82 -50.77
N GLY B 205 26.55 -10.46 -50.68
CA GLY B 205 25.58 -10.75 -51.71
C GLY B 205 25.44 -12.24 -51.90
N LYS B 206 25.26 -12.96 -50.80
CA LYS B 206 25.24 -14.41 -50.84
C LYS B 206 24.05 -15.01 -50.08
N VAL B 207 22.96 -14.26 -49.99
CA VAL B 207 21.76 -14.78 -49.36
C VAL B 207 21.25 -16.02 -50.11
N GLY B 208 20.99 -17.09 -49.35
CA GLY B 208 20.42 -18.30 -49.92
C GLY B 208 21.45 -19.26 -50.46
N LYS B 209 22.54 -18.71 -51.00
CA LYS B 209 23.67 -19.52 -51.42
C LYS B 209 24.33 -20.06 -50.18
N VAL B 210 24.60 -19.17 -49.23
CA VAL B 210 25.16 -19.57 -47.95
C VAL B 210 24.05 -19.65 -46.92
N LYS B 211 23.78 -20.85 -46.40
CA LYS B 211 22.72 -21.02 -45.41
C LYS B 211 23.22 -20.63 -44.05
N ILE B 212 22.29 -20.29 -43.17
CA ILE B 212 22.61 -19.97 -41.80
C ILE B 212 21.61 -20.63 -40.87
N VAL B 213 22.14 -21.35 -39.89
CA VAL B 213 21.36 -21.95 -38.84
C VAL B 213 21.99 -21.49 -37.53
N CYS B 214 21.19 -21.16 -36.53
CA CYS B 214 21.77 -20.57 -35.35
C CYS B 214 20.84 -20.63 -34.16
N PHE B 215 21.12 -19.80 -33.16
CA PHE B 215 20.45 -19.92 -31.88
C PHE B 215 19.71 -18.67 -31.47
N ASP B 216 18.57 -18.90 -30.82
CA ASP B 216 17.82 -17.87 -30.14
C ASP B 216 16.94 -17.10 -31.09
N THR B 217 16.08 -16.27 -30.50
CA THR B 217 15.04 -15.56 -31.23
C THR B 217 14.99 -14.10 -30.80
N THR B 218 16.12 -13.41 -30.95
CA THR B 218 16.23 -11.98 -30.67
C THR B 218 15.62 -11.23 -31.82
N PRO B 219 15.24 -9.97 -31.58
CA PRO B 219 14.62 -9.22 -32.67
C PRO B 219 15.49 -9.13 -33.92
N ASP B 220 16.81 -9.03 -33.74
CA ASP B 220 17.76 -8.96 -34.87
C ASP B 220 17.71 -10.24 -35.68
N ILE B 221 17.62 -11.36 -34.95
CA ILE B 221 17.53 -12.70 -35.55
C ILE B 221 16.21 -12.94 -36.27
N LEU B 222 15.12 -12.58 -35.63
CA LEU B 222 13.80 -12.65 -36.26
C LEU B 222 13.73 -11.77 -37.51
N GLN B 223 14.35 -10.59 -37.42
CA GLN B 223 14.48 -9.74 -38.59
C GLN B 223 15.19 -10.53 -39.70
N TYR B 224 16.31 -11.16 -39.37
CA TYR B 224 17.05 -11.88 -40.40
C TYR B 224 16.26 -13.04 -40.96
N VAL B 225 15.47 -13.69 -40.10
CA VAL B 225 14.58 -14.75 -40.56
C VAL B 225 13.53 -14.21 -41.54
N LYS B 226 12.89 -13.11 -41.17
CA LYS B 226 11.90 -12.47 -42.01
C LYS B 226 12.47 -12.14 -43.39
N GLU B 227 13.67 -11.57 -43.40
CA GLU B 227 14.35 -11.20 -44.65
C GLU B 227 14.78 -12.41 -45.48
N GLY B 228 14.64 -13.61 -44.92
CA GLY B 228 15.04 -14.83 -45.62
C GLY B 228 16.54 -15.09 -45.61
N VAL B 229 17.25 -14.47 -44.67
CA VAL B 229 18.70 -14.60 -44.62
C VAL B 229 19.14 -15.72 -43.64
N ILE B 230 18.44 -15.81 -42.53
CA ILE B 230 18.57 -16.98 -41.66
C ILE B 230 17.41 -17.96 -41.92
N GLN B 231 17.76 -19.21 -42.25
CA GLN B 231 16.80 -20.22 -42.62
C GLN B 231 16.21 -20.93 -41.42
N ALA B 232 16.91 -20.86 -40.30
CA ALA B 232 16.43 -21.53 -39.09
C ALA B 232 17.28 -21.16 -37.88
N THR B 233 16.60 -20.81 -36.80
CA THR B 233 17.25 -20.53 -35.53
C THR B 233 16.53 -21.29 -34.44
N MET B 234 17.26 -21.64 -33.39
CA MET B 234 16.71 -22.42 -32.31
C MET B 234 16.26 -21.49 -31.20
N GLY B 235 14.96 -21.23 -31.14
CA GLY B 235 14.38 -20.40 -30.10
C GLY B 235 14.21 -21.21 -28.85
N GLN B 236 14.72 -20.67 -27.74
CA GLN B 236 14.63 -21.34 -26.46
C GLN B 236 13.30 -21.00 -25.85
N ARG B 237 12.96 -21.66 -24.75
CA ARG B 237 11.62 -21.50 -24.19
C ARG B 237 11.68 -21.08 -22.72
N PRO B 238 12.09 -19.84 -22.47
CA PRO B 238 12.20 -19.30 -21.11
C PRO B 238 10.87 -19.35 -20.38
N TYR B 239 9.80 -19.05 -21.11
CA TYR B 239 8.48 -19.02 -20.52
C TYR B 239 8.20 -20.36 -19.84
N MET B 240 8.43 -21.43 -20.58
CA MET B 240 8.15 -22.76 -20.10
C MET B 240 9.01 -23.10 -18.89
N MET B 241 10.09 -22.37 -18.71
CA MET B 241 11.01 -22.67 -17.62
C MET B 241 10.38 -22.28 -16.31
N GLY B 242 9.96 -21.02 -16.21
CA GLY B 242 9.29 -20.52 -15.02
C GLY B 242 7.98 -21.26 -14.77
N TYR B 243 7.22 -21.44 -15.84
CA TYR B 243 5.97 -22.18 -15.77
C TYR B 243 6.14 -23.52 -15.05
N LEU B 244 7.08 -24.33 -15.53
CA LEU B 244 7.24 -25.68 -15.01
C LEU B 244 7.97 -25.65 -13.69
N SER B 245 8.76 -24.60 -13.48
CA SER B 245 9.40 -24.40 -12.18
C SER B 245 8.33 -24.18 -11.11
N VAL B 246 7.24 -23.51 -11.50
CA VAL B 246 6.12 -23.30 -10.57
C VAL B 246 5.32 -24.58 -10.37
N THR B 247 4.80 -25.13 -11.47
CA THR B 247 4.09 -26.40 -11.45
C THR B 247 4.80 -27.45 -10.63
N VAL B 248 6.06 -27.72 -10.99
CA VAL B 248 6.83 -28.76 -10.34
C VAL B 248 6.93 -28.51 -8.84
N LEU B 249 7.06 -27.24 -8.46
CA LEU B 249 7.22 -26.88 -7.07
C LEU B 249 5.89 -26.97 -6.34
N TYR B 250 4.83 -26.78 -7.10
CA TYR B 250 3.47 -26.83 -6.58
C TYR B 250 3.18 -28.28 -6.22
N LEU B 251 3.41 -29.18 -7.18
CA LEU B 251 3.18 -30.60 -6.94
C LEU B 251 3.92 -31.10 -5.70
N MET B 252 5.12 -30.58 -5.47
CA MET B 252 5.95 -31.08 -4.37
C MET B 252 5.34 -30.71 -3.03
N ASN B 253 4.55 -29.65 -3.02
CA ASN B 253 3.74 -29.32 -1.86
C ASN B 253 2.49 -30.21 -1.79
N LYS B 254 1.82 -30.38 -2.93
CA LYS B 254 0.55 -31.09 -3.00
C LYS B 254 0.65 -32.62 -2.81
N ILE B 255 1.48 -33.27 -3.60
CA ILE B 255 1.60 -34.73 -3.52
C ILE B 255 2.91 -35.21 -2.88
N GLY B 256 3.72 -34.29 -2.34
CA GLY B 256 5.01 -34.65 -1.80
C GLY B 256 6.12 -34.57 -2.84
N VAL B 257 7.36 -34.56 -2.38
CA VAL B 257 8.50 -34.46 -3.29
C VAL B 257 8.72 -35.75 -4.05
N GLN B 258 8.66 -36.85 -3.30
CA GLN B 258 8.90 -38.18 -3.84
C GLN B 258 7.98 -38.49 -5.02
N ASN B 259 6.66 -38.36 -4.80
CA ASN B 259 5.68 -38.61 -5.85
C ASN B 259 5.84 -37.71 -7.07
N THR B 260 6.31 -36.48 -6.86
CA THR B 260 6.55 -35.56 -7.95
C THR B 260 7.73 -35.99 -8.83
N LEU B 261 8.81 -36.42 -8.18
CA LEU B 261 9.99 -36.90 -8.90
C LEU B 261 9.59 -38.05 -9.80
N MET B 262 8.83 -38.98 -9.25
CA MET B 262 8.51 -40.22 -9.97
C MET B 262 7.82 -39.98 -11.32
N MET B 263 7.36 -38.76 -11.53
CA MET B 263 6.59 -38.41 -12.71
C MET B 263 7.55 -37.87 -13.75
N LEU B 264 8.71 -37.41 -13.29
CA LEU B 264 9.65 -36.64 -14.09
C LEU B 264 10.68 -37.51 -14.79
N PRO B 265 11.37 -36.94 -15.80
CA PRO B 265 12.43 -37.67 -16.53
C PRO B 265 13.67 -37.96 -15.66
N LYS B 266 14.19 -39.17 -15.85
CA LYS B 266 15.17 -39.75 -14.96
C LYS B 266 16.51 -39.85 -15.65
N VAL B 267 17.55 -39.31 -15.02
CA VAL B 267 18.91 -39.43 -15.52
C VAL B 267 19.82 -39.91 -14.41
N LYS B 268 20.79 -40.74 -14.76
CA LYS B 268 21.77 -41.16 -13.77
C LYS B 268 23.06 -40.42 -14.05
N VAL B 269 23.67 -39.92 -12.98
CA VAL B 269 24.97 -39.26 -13.05
C VAL B 269 25.88 -40.02 -12.10
N ASP B 270 26.87 -40.71 -12.64
CA ASP B 270 27.76 -41.54 -11.81
C ASP B 270 27.03 -42.35 -10.73
N GLY B 271 25.97 -43.06 -11.13
CA GLY B 271 25.22 -43.92 -10.23
C GLY B 271 24.17 -43.19 -9.41
N LYS B 272 24.24 -41.86 -9.45
CA LYS B 272 23.29 -41.00 -8.76
C LYS B 272 22.07 -40.72 -9.64
N VAL B 273 20.88 -40.91 -9.07
CA VAL B 273 19.65 -40.60 -9.78
C VAL B 273 19.40 -39.10 -9.79
N ASP B 274 19.14 -38.55 -10.96
CA ASP B 274 18.76 -37.14 -11.06
C ASP B 274 17.59 -36.93 -12.01
N TYR B 275 16.94 -35.77 -11.89
CA TYR B 275 15.73 -35.49 -12.63
C TYR B 275 15.95 -34.17 -13.32
N VAL B 276 15.69 -34.16 -14.62
CA VAL B 276 15.97 -32.98 -15.41
C VAL B 276 14.90 -32.82 -16.46
N ILE B 277 14.35 -31.61 -16.56
CA ILE B 277 13.41 -31.31 -17.64
C ILE B 277 14.02 -30.44 -18.75
N ASP B 278 13.99 -30.94 -19.97
CA ASP B 278 14.45 -30.20 -21.14
C ASP B 278 13.28 -29.45 -21.77
N THR B 279 13.29 -28.14 -21.60
CA THR B 279 12.25 -27.30 -22.17
C THR B 279 12.30 -27.23 -23.69
N GLY B 280 13.34 -27.82 -24.28
CA GLY B 280 13.49 -27.88 -25.73
C GLY B 280 13.57 -26.54 -26.48
N VAL B 281 13.35 -26.61 -27.79
CA VAL B 281 13.58 -25.45 -28.64
C VAL B 281 12.53 -25.34 -29.76
N ASP B 282 12.16 -24.11 -30.13
CA ASP B 282 11.34 -23.88 -31.31
C ASP B 282 12.24 -23.71 -32.56
N VAL B 283 12.00 -24.50 -33.59
CA VAL B 283 12.76 -24.35 -34.83
C VAL B 283 12.07 -23.34 -35.75
N VAL B 284 12.43 -22.08 -35.58
CA VAL B 284 11.78 -21.00 -36.29
C VAL B 284 12.46 -20.76 -37.64
N THR B 285 11.65 -20.52 -38.66
CA THR B 285 12.13 -20.53 -40.03
C THR B 285 11.38 -19.48 -40.84
N PRO B 286 11.93 -19.07 -42.00
CA PRO B 286 11.17 -18.11 -42.79
C PRO B 286 9.73 -18.52 -43.02
N GLU B 287 9.47 -19.80 -43.21
CA GLU B 287 8.12 -20.25 -43.54
C GLU B 287 7.18 -20.35 -42.34
N ASN B 288 7.72 -20.67 -41.16
CA ASN B 288 6.90 -20.79 -39.95
C ASN B 288 7.04 -19.60 -38.97
N LEU B 289 7.63 -18.51 -39.44
CA LEU B 289 7.86 -17.36 -38.58
C LEU B 289 6.56 -16.70 -38.12
N ASP B 290 5.65 -16.47 -39.06
N ASP B 290 5.64 -16.49 -39.06
CA ASP B 290 4.35 -15.90 -38.73
CA ASP B 290 4.35 -15.90 -38.75
C ASP B 290 3.67 -16.68 -37.61
C ASP B 290 3.63 -16.68 -37.64
N GLU B 291 3.68 -18.01 -37.75
CA GLU B 291 3.07 -18.87 -36.76
C GLU B 291 3.73 -18.64 -35.38
N TYR B 292 5.06 -18.67 -35.34
CA TYR B 292 5.80 -18.45 -34.09
C TYR B 292 5.44 -17.11 -33.43
N LEU B 293 5.26 -16.06 -34.22
CA LEU B 293 4.92 -14.75 -33.68
C LEU B 293 3.59 -14.78 -32.96
N LYS B 294 2.59 -15.33 -33.64
CA LYS B 294 1.25 -15.49 -33.06
C LYS B 294 1.33 -16.25 -31.73
N LYS B 295 1.95 -17.43 -31.77
CA LYS B 295 2.10 -18.26 -30.59
C LYS B 295 2.62 -17.42 -29.43
N MET B 296 3.56 -16.54 -29.73
CA MET B 296 4.23 -15.75 -28.72
C MET B 296 3.33 -14.63 -28.25
N GLU B 297 2.66 -13.96 -29.18
CA GLU B 297 1.61 -12.99 -28.86
C GLU B 297 0.64 -13.60 -27.86
N GLU B 298 0.08 -14.75 -28.22
CA GLU B 298 -0.92 -15.43 -27.40
C GLU B 298 -0.43 -15.67 -25.97
N LEU B 299 0.85 -16.01 -25.83
CA LEU B 299 1.41 -16.21 -24.51
C LEU B 299 1.54 -14.87 -23.80
N GLY B 300 1.24 -13.81 -24.53
CA GLY B 300 1.31 -12.47 -23.98
C GLY B 300 2.75 -12.01 -23.97
N ILE B 301 3.54 -12.58 -24.84
CA ILE B 301 4.89 -12.10 -25.06
C ILE B 301 4.88 -11.16 -26.26
N PRO B 302 5.36 -9.93 -26.05
CA PRO B 302 5.38 -8.97 -27.15
C PRO B 302 6.55 -9.33 -28.02
N ILE B 303 6.56 -8.86 -29.25
CA ILE B 303 7.74 -9.02 -30.07
C ILE B 303 8.11 -7.76 -30.83
N LYS B 304 9.31 -7.24 -30.59
CA LYS B 304 9.85 -6.16 -31.39
C LYS B 304 10.50 -6.81 -32.60
N PHE B 305 11.42 -6.11 -33.25
CA PHE B 305 12.00 -6.60 -34.48
C PHE B 305 13.31 -5.89 -34.79
N MET C 1 27.75 -6.20 21.63
CA MET C 1 26.45 -5.66 22.01
C MET C 1 25.84 -4.80 20.90
N LEU C 2 24.53 -4.64 20.93
CA LEU C 2 23.83 -3.91 19.89
C LEU C 2 24.15 -2.43 19.94
N THR C 3 24.02 -1.78 18.80
CA THR C 3 24.25 -0.35 18.70
C THR C 3 23.12 0.27 17.88
N ILE C 4 22.63 1.41 18.35
CA ILE C 4 21.45 2.04 17.76
C ILE C 4 21.73 3.48 17.41
N GLY C 5 21.43 3.85 16.16
CA GLY C 5 21.66 5.21 15.71
C GLY C 5 20.44 6.11 15.83
N VAL C 6 20.68 7.34 16.27
CA VAL C 6 19.64 8.36 16.35
C VAL C 6 20.10 9.61 15.61
N ILE C 7 19.25 10.14 14.75
CA ILE C 7 19.58 11.33 13.96
C ILE C 7 18.58 12.47 14.17
N GLY C 8 19.08 13.57 14.75
CA GLY C 8 18.26 14.73 15.05
C GLY C 8 18.21 15.74 13.93
N LYS C 9 17.82 16.96 14.27
CA LYS C 9 17.58 18.00 13.27
C LYS C 9 18.48 19.24 13.39
N SER C 10 18.82 19.63 14.61
CA SER C 10 19.74 20.74 14.81
C SER C 10 20.43 20.66 16.16
N VAL C 11 21.33 21.61 16.38
CA VAL C 11 22.04 21.72 17.65
C VAL C 11 21.30 22.70 18.53
N HIS C 12 20.57 22.17 19.51
CA HIS C 12 19.74 23.01 20.36
C HIS C 12 19.50 22.27 21.66
N PRO C 13 19.32 23.00 22.76
CA PRO C 13 18.96 22.43 24.07
C PRO C 13 17.82 21.43 23.96
N TYR C 14 16.88 21.67 23.05
CA TYR C 14 15.77 20.75 22.85
C TYR C 14 16.29 19.36 22.53
N TRP C 15 17.20 19.27 21.57
CA TRP C 15 17.73 17.96 21.19
C TRP C 15 18.65 17.35 22.26
N SER C 16 19.22 18.21 23.10
CA SER C 16 19.99 17.69 24.23
C SER C 16 19.07 16.90 25.14
N GLN C 17 17.86 17.42 25.35
CA GLN C 17 16.83 16.71 26.09
C GLN C 17 16.57 15.37 25.43
N VAL C 18 16.51 15.38 24.11
CA VAL C 18 16.30 14.14 23.38
C VAL C 18 17.45 13.17 23.62
N GLU C 19 18.68 13.68 23.47
CA GLU C 19 19.91 12.89 23.58
C GLU C 19 20.01 12.23 24.95
N GLN C 20 19.71 13.02 25.97
CA GLN C 20 19.57 12.59 27.36
C GLN C 20 18.59 11.42 27.49
N GLY C 21 17.52 11.44 26.71
CA GLY C 21 16.67 10.27 26.59
C GLY C 21 17.42 9.10 25.96
N VAL C 22 17.90 9.30 24.73
CA VAL C 22 18.68 8.29 24.03
C VAL C 22 19.71 7.64 24.95
N LYS C 23 20.54 8.46 25.58
CA LYS C 23 21.56 7.99 26.50
C LYS C 23 20.98 7.15 27.64
N ALA C 24 20.02 7.71 28.36
CA ALA C 24 19.44 7.03 29.50
C ALA C 24 18.86 5.67 29.13
N ALA C 25 18.22 5.63 27.95
CA ALA C 25 17.60 4.40 27.50
C ALA C 25 18.70 3.40 27.32
N GLY C 26 19.61 3.71 26.39
CA GLY C 26 20.77 2.88 26.08
C GLY C 26 21.50 2.34 27.29
N LYS C 27 21.74 3.18 28.28
CA LYS C 27 22.32 2.74 29.54
C LYS C 27 21.47 1.66 30.24
N ALA C 28 20.17 1.89 30.33
CA ALA C 28 19.27 0.95 31.02
C ALA C 28 19.14 -0.40 30.33
N LEU C 29 19.29 -0.41 29.01
CA LEU C 29 19.06 -1.62 28.25
C LEU C 29 20.34 -2.39 27.99
N GLY C 30 21.47 -1.69 28.09
CA GLY C 30 22.75 -2.30 27.76
C GLY C 30 22.90 -2.37 26.24
N VAL C 31 22.98 -1.19 25.63
CA VAL C 31 23.06 -1.09 24.18
C VAL C 31 23.70 0.24 23.81
N ASP C 32 24.60 0.21 22.82
CA ASP C 32 25.31 1.41 22.44
C ASP C 32 24.43 2.30 21.60
N THR C 33 24.63 3.61 21.76
CA THR C 33 23.84 4.61 21.05
C THR C 33 24.72 5.63 20.35
N LYS C 34 24.44 5.83 19.08
CA LYS C 34 25.06 6.88 18.28
C LYS C 34 24.08 8.03 18.05
N PHE C 35 24.19 9.09 18.83
CA PHE C 35 23.33 10.26 18.63
C PHE C 35 24.07 11.32 17.78
N PHE C 36 23.36 11.91 16.81
CA PHE C 36 23.96 12.97 15.98
C PHE C 36 22.97 14.04 15.50
N VAL C 37 23.25 15.31 15.80
CA VAL C 37 22.50 16.44 15.24
C VAL C 37 23.41 17.44 14.51
N PRO C 38 23.01 17.86 13.30
CA PRO C 38 23.76 18.81 12.49
C PRO C 38 23.97 20.16 13.17
N GLN C 39 24.92 20.93 12.63
CA GLN C 39 25.16 22.30 13.07
C GLN C 39 24.09 23.20 12.46
N LYS C 40 24.09 23.27 11.13
CA LYS C 40 22.98 23.86 10.40
C LYS C 40 22.09 22.75 9.79
N CYS C 41 20.79 22.83 10.06
CA CYS C 41 19.85 21.78 9.62
C CYS C 41 19.84 21.60 8.11
N ASP C 42 20.45 20.51 7.67
CA ASP C 42 20.41 20.16 6.25
C ASP C 42 19.96 18.72 6.07
N ILE C 43 18.90 18.53 5.31
CA ILE C 43 18.44 17.19 4.96
C ILE C 43 19.62 16.31 4.49
N ASN C 44 20.61 16.94 3.86
CA ASN C 44 21.78 16.22 3.36
C ASN C 44 22.77 15.74 4.42
N ALA C 45 23.05 16.59 5.40
CA ALA C 45 23.82 16.14 6.56
C ALA C 45 23.23 14.83 7.10
N GLN C 46 21.92 14.80 7.26
CA GLN C 46 21.22 13.64 7.79
C GLN C 46 21.40 12.36 6.95
N LEU C 47 21.17 12.47 5.65
CA LEU C 47 21.31 11.34 4.73
C LEU C 47 22.71 10.83 4.79
N GLN C 48 23.64 11.77 4.74
N GLN C 48 23.65 11.77 4.72
CA GLN C 48 25.05 11.45 4.88
CA GLN C 48 25.06 11.49 4.91
C GLN C 48 25.22 10.56 6.12
C GLN C 48 25.21 10.56 6.11
N MET C 49 25.00 11.13 7.29
CA MET C 49 25.14 10.39 8.55
C MET C 49 24.40 9.06 8.55
N LEU C 50 23.41 8.94 7.69
CA LEU C 50 22.56 7.76 7.63
C LEU C 50 23.27 6.63 6.89
N GLU C 51 23.75 6.94 5.69
CA GLU C 51 24.64 6.05 4.95
C GLU C 51 25.81 5.60 5.83
N SER C 52 26.45 6.57 6.49
CA SER C 52 27.48 6.26 7.47
C SER C 52 26.93 5.20 8.42
N PHE C 53 25.78 5.48 9.04
CA PHE C 53 25.19 4.56 10.00
C PHE C 53 24.90 3.21 9.35
N ILE C 54 24.26 3.23 8.19
CA ILE C 54 23.96 2.00 7.50
C ILE C 54 25.25 1.20 7.37
N ALA C 55 26.30 1.88 6.95
CA ALA C 55 27.60 1.26 6.68
C ALA C 55 28.16 0.52 7.89
N GLU C 56 28.24 1.20 9.03
CA GLU C 56 28.78 0.60 10.24
C GLU C 56 27.98 -0.63 10.68
N GLY C 57 26.86 -0.85 10.01
CA GLY C 57 25.98 -1.95 10.37
C GLY C 57 25.33 -1.68 11.71
N VAL C 58 24.88 -0.46 11.92
CA VAL C 58 24.08 -0.14 13.09
C VAL C 58 22.85 -1.03 13.08
N ASN C 59 22.36 -1.37 14.26
CA ASN C 59 21.26 -2.32 14.39
C ASN C 59 19.86 -1.69 14.24
N GLY C 60 19.76 -0.39 14.43
CA GLY C 60 18.48 0.28 14.34
C GLY C 60 18.63 1.78 14.31
N ILE C 61 17.72 2.44 13.60
CA ILE C 61 17.82 3.87 13.38
C ILE C 61 16.52 4.61 13.67
N ALA C 62 16.62 5.64 14.50
CA ALA C 62 15.53 6.57 14.72
C ALA C 62 15.92 7.93 14.16
N ILE C 63 15.21 8.38 13.13
CA ILE C 63 15.56 9.65 12.51
C ILE C 63 14.40 10.65 12.54
N ALA C 64 14.74 11.92 12.51
CA ALA C 64 13.74 12.98 12.47
C ALA C 64 13.81 13.72 11.12
N PRO C 65 13.25 13.11 10.07
CA PRO C 65 13.40 13.61 8.71
C PRO C 65 13.11 15.11 8.54
N SER C 66 14.14 15.89 8.26
CA SER C 66 13.97 17.33 7.99
C SER C 66 13.27 17.50 6.67
N ASP C 67 13.36 16.49 5.81
CA ASP C 67 12.54 16.45 4.63
C ASP C 67 12.00 15.03 4.50
N PRO C 68 10.67 14.89 4.62
CA PRO C 68 9.98 13.60 4.62
C PRO C 68 10.24 12.85 3.33
N THR C 69 10.27 13.60 2.23
CA THR C 69 10.36 13.01 0.90
C THR C 69 11.79 12.54 0.62
N ALA C 70 12.75 13.44 0.80
CA ALA C 70 14.17 13.15 0.54
C ALA C 70 14.70 11.89 1.22
N VAL C 71 14.24 11.64 2.45
CA VAL C 71 14.75 10.53 3.25
C VAL C 71 14.23 9.16 2.79
N ILE C 72 13.09 9.14 2.12
CA ILE C 72 12.44 7.86 1.78
C ILE C 72 13.41 6.78 1.29
N PRO C 73 14.07 6.99 0.14
CA PRO C 73 14.96 5.97 -0.44
C PRO C 73 16.05 5.47 0.52
N THR C 74 16.72 6.39 1.20
CA THR C 74 17.79 6.02 2.11
C THR C 74 17.27 5.10 3.20
N ILE C 75 16.00 5.27 3.55
CA ILE C 75 15.36 4.47 4.59
C ILE C 75 14.90 3.11 4.06
N LYS C 76 14.36 3.11 2.86
CA LYS C 76 13.90 1.88 2.24
C LYS C 76 15.06 0.91 2.11
N LYS C 77 16.25 1.45 1.89
CA LYS C 77 17.47 0.64 1.77
C LYS C 77 17.90 0.09 3.12
N ALA C 78 17.97 0.94 4.14
CA ALA C 78 18.31 0.49 5.47
C ALA C 78 17.41 -0.70 5.85
N LEU C 79 16.10 -0.53 5.62
CA LEU C 79 15.16 -1.62 5.85
C LEU C 79 15.54 -2.88 5.07
N GLU C 80 15.90 -2.73 3.79
CA GLU C 80 16.37 -3.85 2.97
C GLU C 80 17.53 -4.61 3.62
N MET C 81 18.50 -3.86 4.13
CA MET C 81 19.65 -4.44 4.82
C MET C 81 19.19 -5.12 6.10
N GLY C 82 17.89 -5.08 6.37
CA GLY C 82 17.36 -5.62 7.60
C GLY C 82 17.73 -4.74 8.79
N ILE C 83 17.62 -3.44 8.59
CA ILE C 83 17.83 -2.50 9.68
C ILE C 83 16.55 -1.75 9.98
N PRO C 84 15.98 -1.99 11.17
CA PRO C 84 14.74 -1.41 11.69
C PRO C 84 14.81 0.10 11.82
N VAL C 85 13.85 0.79 11.20
CA VAL C 85 13.83 2.24 11.23
C VAL C 85 12.52 2.76 11.78
N VAL C 86 12.61 3.76 12.64
CA VAL C 86 11.45 4.45 13.18
C VAL C 86 11.71 5.93 13.05
N THR C 87 10.71 6.76 13.26
CA THR C 87 10.88 8.20 13.22
C THR C 87 10.57 8.78 14.57
N LEU C 88 10.91 10.04 14.75
CA LEU C 88 10.68 10.69 16.02
C LEU C 88 10.69 12.18 15.81
N ASP C 89 9.99 12.90 16.68
CA ASP C 89 9.84 14.35 16.58
C ASP C 89 9.09 14.84 15.32
N THR C 90 9.39 14.26 14.16
CA THR C 90 8.70 14.60 12.92
C THR C 90 8.70 13.35 12.05
N ASP C 91 7.76 13.26 11.11
CA ASP C 91 7.50 11.96 10.47
C ASP C 91 7.74 11.92 8.96
N SER C 92 8.01 10.72 8.44
CA SER C 92 7.98 10.43 7.02
C SER C 92 7.12 9.20 6.79
N PRO C 93 5.80 9.40 6.68
CA PRO C 93 4.79 8.33 6.75
C PRO C 93 4.99 7.21 5.72
N ASP C 94 5.35 7.56 4.49
CA ASP C 94 5.54 6.57 3.44
C ASP C 94 6.99 6.14 3.29
N SER C 95 7.83 6.58 4.20
CA SER C 95 9.23 6.18 4.21
C SER C 95 9.33 4.67 4.36
N GLY C 96 8.38 4.10 5.10
CA GLY C 96 8.39 2.68 5.39
C GLY C 96 8.83 2.38 6.80
N ARG C 97 9.22 3.41 7.54
CA ARG C 97 9.55 3.27 8.96
C ARG C 97 8.44 2.55 9.72
N TYR C 98 8.77 1.99 10.87
CA TYR C 98 7.84 1.11 11.56
C TYR C 98 6.89 1.83 12.51
N VAL C 99 7.42 2.77 13.28
CA VAL C 99 6.60 3.53 14.23
C VAL C 99 6.93 5.01 14.16
N TYR C 100 5.99 5.86 14.55
CA TYR C 100 6.31 7.26 14.75
C TYR C 100 6.26 7.57 16.24
N ILE C 101 7.36 8.08 16.77
CA ILE C 101 7.42 8.40 18.18
C ILE C 101 7.53 9.90 18.32
N GLY C 102 6.42 10.56 18.56
CA GLY C 102 6.46 11.99 18.76
C GLY C 102 5.22 12.64 19.29
N THR C 103 5.12 13.94 19.02
CA THR C 103 4.03 14.79 19.49
C THR C 103 2.92 14.80 18.44
N ASP C 104 1.68 15.03 18.89
CA ASP C 104 0.59 15.19 17.94
C ASP C 104 0.59 16.61 17.42
N ASN C 105 1.21 16.78 16.27
CA ASN C 105 1.56 18.11 15.81
C ASN C 105 0.38 18.97 15.44
N TYR C 106 -0.53 18.43 14.62
CA TYR C 106 -1.75 19.15 14.33
C TYR C 106 -2.51 19.50 15.62
N GLN C 107 -2.83 18.49 16.43
CA GLN C 107 -3.56 18.69 17.68
C GLN C 107 -2.95 19.80 18.49
N ALA C 108 -1.62 19.79 18.56
CA ALA C 108 -0.89 20.75 19.36
C ALA C 108 -0.99 22.14 18.74
N GLY C 109 -0.83 22.21 17.41
CA GLY C 109 -0.92 23.46 16.67
C GLY C 109 -2.30 24.05 16.87
N TYR C 110 -3.30 23.22 16.68
CA TYR C 110 -4.67 23.63 16.93
C TYR C 110 -4.81 24.21 18.34
N THR C 111 -4.61 23.38 19.35
CA THR C 111 -4.72 23.84 20.73
C THR C 111 -4.07 25.20 20.96
N ALA C 112 -2.87 25.38 20.41
CA ALA C 112 -2.14 26.65 20.57
C ALA C 112 -2.89 27.80 19.90
N GLY C 113 -3.43 27.52 18.72
CA GLY C 113 -4.23 28.48 17.98
C GLY C 113 -5.43 28.94 18.79
N LEU C 114 -6.12 27.97 19.39
CA LEU C 114 -7.22 28.30 20.28
C LEU C 114 -6.75 29.23 21.39
N ILE C 115 -5.55 28.97 21.90
CA ILE C 115 -4.98 29.77 22.98
C ILE C 115 -4.75 31.20 22.53
N MET C 116 -4.10 31.35 21.37
CA MET C 116 -3.90 32.64 20.72
C MET C 116 -5.23 33.37 20.59
N LYS C 117 -6.16 32.75 19.87
CA LYS C 117 -7.48 33.33 19.62
C LYS C 117 -8.05 33.91 20.90
N GLU C 118 -7.95 33.14 21.99
CA GLU C 118 -8.48 33.60 23.26
C GLU C 118 -7.79 34.88 23.68
N LEU C 119 -6.48 34.80 23.86
CA LEU C 119 -5.66 35.92 24.29
C LEU C 119 -5.99 37.16 23.48
N LEU C 120 -6.12 37.00 22.17
CA LEU C 120 -6.31 38.16 21.30
C LEU C 120 -7.73 38.70 21.33
N GLY C 121 -8.69 37.82 21.60
CA GLY C 121 -10.09 38.18 21.55
C GLY C 121 -10.58 37.98 20.12
N GLY C 122 -10.10 36.92 19.48
CA GLY C 122 -10.55 36.55 18.14
C GLY C 122 -10.20 37.56 17.08
N LYS C 123 -9.34 38.51 17.41
CA LYS C 123 -9.13 39.70 16.59
C LYS C 123 -7.67 40.12 16.54
N GLY C 124 -7.12 40.23 15.34
CA GLY C 124 -5.80 40.81 15.19
C GLY C 124 -4.83 40.24 14.16
N LYS C 125 -3.58 40.73 14.25
CA LYS C 125 -2.50 40.35 13.34
C LYS C 125 -1.45 39.50 14.06
N VAL C 126 -1.01 38.44 13.39
CA VAL C 126 -0.06 37.51 13.95
C VAL C 126 1.08 37.21 12.98
N VAL C 127 2.29 37.09 13.52
CA VAL C 127 3.45 36.62 12.76
C VAL C 127 3.84 35.24 13.28
N ILE C 128 4.15 34.34 12.34
CA ILE C 128 4.63 33.01 12.70
C ILE C 128 6.15 32.92 12.54
N GLY C 129 6.81 32.28 13.50
CA GLY C 129 8.21 31.96 13.34
C GLY C 129 8.43 30.46 13.29
N THR C 130 9.10 29.98 12.26
CA THR C 130 9.41 28.55 12.19
C THR C 130 10.86 28.32 11.75
N GLY C 131 11.32 27.07 11.89
CA GLY C 131 12.63 26.67 11.39
C GLY C 131 12.59 25.89 10.09
N SER C 132 11.40 25.61 9.57
CA SER C 132 11.31 24.78 8.35
C SER C 132 10.00 24.90 7.55
N LEU C 133 9.97 24.25 6.39
CA LEU C 133 8.83 24.31 5.48
C LEU C 133 8.70 23.01 4.70
N THR C 134 9.42 22.00 5.13
CA THR C 134 9.28 20.67 4.56
C THR C 134 9.04 19.64 5.67
N ALA C 135 9.55 19.93 6.86
CA ALA C 135 9.42 19.03 8.02
C ALA C 135 7.96 18.90 8.42
N MET C 136 7.46 17.67 8.45
CA MET C 136 6.05 17.42 8.75
C MET C 136 5.56 18.10 10.02
N ASN C 137 6.33 18.02 11.11
CA ASN C 137 5.91 18.61 12.38
C ASN C 137 5.58 20.10 12.32
N SER C 138 6.37 20.85 11.55
CA SER C 138 6.18 22.30 11.40
C SER C 138 4.96 22.58 10.55
N LEU C 139 4.86 21.90 9.42
CA LEU C 139 3.71 22.03 8.55
C LEU C 139 2.44 21.75 9.35
N GLN C 140 2.41 20.60 10.02
CA GLN C 140 1.29 20.20 10.84
C GLN C 140 0.90 21.28 11.85
N ARG C 141 1.86 21.76 12.63
CA ARG C 141 1.55 22.75 13.66
C ARG C 141 1.01 24.05 13.09
N ILE C 142 1.39 24.35 11.85
CA ILE C 142 0.91 25.58 11.21
C ILE C 142 -0.49 25.39 10.61
N GLN C 143 -0.73 24.26 9.96
CA GLN C 143 -2.09 23.92 9.56
C GLN C 143 -3.06 23.92 10.75
N GLY C 144 -2.67 23.28 11.83
CA GLY C 144 -3.49 23.23 13.03
C GLY C 144 -3.76 24.61 13.59
N PHE C 145 -2.74 25.44 13.67
CA PHE C 145 -2.90 26.80 14.16
C PHE C 145 -3.81 27.59 13.22
N LYS C 146 -3.54 27.47 11.92
CA LYS C 146 -4.36 28.14 10.90
C LYS C 146 -5.85 27.81 11.03
N ASP C 147 -6.15 26.51 11.13
CA ASP C 147 -7.52 26.01 11.15
C ASP C 147 -8.27 26.47 12.41
N ALA C 148 -7.62 26.38 13.56
CA ALA C 148 -8.19 26.91 14.79
C ALA C 148 -8.64 28.39 14.68
N ILE C 149 -7.83 29.23 14.03
CA ILE C 149 -8.15 30.67 13.95
C ILE C 149 -8.94 31.05 12.70
N LYS C 150 -9.02 30.11 11.75
CA LYS C 150 -9.71 30.34 10.49
C LYS C 150 -11.14 30.83 10.70
N ASP C 151 -11.68 30.61 11.89
CA ASP C 151 -13.05 31.03 12.17
C ASP C 151 -13.15 32.54 12.39
N SER C 152 -12.09 33.11 12.99
CA SER C 152 -12.13 34.45 13.56
C SER C 152 -11.68 35.57 12.64
N GLU C 153 -11.57 36.77 13.20
CA GLU C 153 -11.09 37.94 12.48
C GLU C 153 -9.57 38.04 12.57
N ILE C 154 -8.93 36.94 12.93
CA ILE C 154 -7.47 36.92 13.08
C ILE C 154 -6.78 36.56 11.76
N GLU C 155 -5.86 37.43 11.33
CA GLU C 155 -5.12 37.19 10.10
C GLU C 155 -3.61 37.02 10.31
N ILE C 156 -3.02 36.12 9.51
CA ILE C 156 -1.61 35.78 9.61
C ILE C 156 -0.84 36.54 8.55
N VAL C 157 -0.09 37.56 8.99
CA VAL C 157 0.59 38.48 8.09
C VAL C 157 1.96 37.98 7.65
N ASP C 158 2.58 37.12 8.46
CA ASP C 158 3.86 36.55 8.06
C ASP C 158 4.18 35.18 8.62
N ILE C 159 4.86 34.38 7.79
CA ILE C 159 5.36 33.07 8.18
C ILE C 159 6.83 33.07 7.83
N LEU C 160 7.68 33.32 8.82
CA LEU C 160 9.11 33.52 8.63
C LEU C 160 9.93 32.29 8.98
N ASN C 161 10.61 31.73 7.98
CA ASN C 161 11.44 30.54 8.17
C ASN C 161 12.92 30.87 8.43
N ASP C 162 13.40 30.60 9.64
CA ASP C 162 14.78 30.90 10.00
C ASP C 162 15.69 29.67 9.94
N CYS C 163 15.23 28.64 9.26
CA CYS C 163 15.97 27.39 9.05
C CYS C 163 16.68 26.90 10.32
N GLU C 164 16.04 27.13 11.46
CA GLU C 164 16.56 26.64 12.73
C GLU C 164 17.87 27.34 13.09
N ASP C 165 17.84 28.67 13.03
CA ASP C 165 18.95 29.51 13.40
C ASP C 165 18.51 30.60 14.39
N GLY C 166 19.12 30.60 15.56
CA GLY C 166 18.80 31.55 16.61
C GLY C 166 18.84 33.00 16.16
N ALA C 167 20.02 33.46 15.74
CA ALA C 167 20.20 34.86 15.39
C ALA C 167 19.40 35.28 14.15
N ARG C 168 19.18 34.33 13.25
CA ARG C 168 18.39 34.61 12.06
C ARG C 168 16.94 34.87 12.44
N ALA C 169 16.44 34.11 13.41
CA ALA C 169 15.09 34.31 13.93
C ALA C 169 14.98 35.69 14.55
N VAL C 170 15.89 35.98 15.45
CA VAL C 170 15.84 37.23 16.21
C VAL C 170 15.66 38.46 15.31
N SER C 171 16.34 38.48 14.17
CA SER C 171 16.28 39.62 13.27
C SER C 171 15.01 39.61 12.43
N LEU C 172 14.54 38.42 12.09
CA LEU C 172 13.27 38.27 11.38
C LEU C 172 12.15 38.89 12.21
N ALA C 173 12.24 38.73 13.53
CA ALA C 173 11.23 39.26 14.44
C ALA C 173 11.39 40.75 14.69
N GLU C 174 12.64 41.22 14.79
CA GLU C 174 12.90 42.65 14.88
C GLU C 174 12.21 43.28 13.70
N ALA C 175 12.55 42.77 12.52
CA ALA C 175 12.01 43.23 11.25
C ALA C 175 10.49 43.15 11.23
N ALA C 176 9.96 41.96 11.47
CA ALA C 176 8.53 41.76 11.48
C ALA C 176 7.84 42.76 12.41
N LEU C 177 8.41 42.94 13.59
CA LEU C 177 7.87 43.91 14.55
C LEU C 177 7.96 45.33 13.99
N ASN C 178 8.96 45.56 13.15
CA ASN C 178 9.11 46.85 12.49
C ASN C 178 8.05 47.05 11.41
N ALA C 179 8.06 46.18 10.42
CA ALA C 179 7.12 46.25 9.29
C ALA C 179 5.68 46.29 9.76
N HIS C 180 5.44 45.72 10.94
CA HIS C 180 4.09 45.61 11.48
C HIS C 180 4.02 46.16 12.91
N PRO C 181 4.07 47.48 13.05
CA PRO C 181 4.07 48.16 14.36
C PRO C 181 2.73 48.07 15.09
N ASP C 182 1.71 47.55 14.42
CA ASP C 182 0.40 47.40 15.04
C ASP C 182 0.17 45.96 15.46
N LEU C 183 1.26 45.19 15.48
CA LEU C 183 1.19 43.76 15.76
C LEU C 183 0.54 43.43 17.10
N ASP C 184 0.03 42.20 17.20
CA ASP C 184 -0.69 41.78 18.39
C ASP C 184 -0.07 40.55 19.03
N ALA C 185 0.59 39.72 18.22
CA ALA C 185 1.20 38.49 18.73
C ALA C 185 2.09 37.72 17.77
N PHE C 186 2.97 36.91 18.36
CA PHE C 186 3.87 36.00 17.64
C PHE C 186 3.51 34.56 17.98
N PHE C 187 3.73 33.66 17.04
CA PHE C 187 3.52 32.25 17.31
C PHE C 187 4.75 31.45 16.91
N GLY C 188 5.41 30.87 17.92
CA GLY C 188 6.64 30.14 17.71
C GLY C 188 6.54 28.64 17.51
N VAL C 189 6.69 28.19 16.27
CA VAL C 189 6.52 26.78 15.92
C VAL C 189 7.61 25.85 16.46
N TYR C 190 8.84 26.36 16.53
CA TYR C 190 9.99 25.57 16.92
C TYR C 190 10.59 26.11 18.21
N ALA C 191 11.62 25.41 18.72
CA ALA C 191 12.27 25.74 19.99
C ALA C 191 12.98 27.10 19.99
N TYR C 192 13.60 27.46 18.87
CA TYR C 192 14.27 28.74 18.77
C TYR C 192 13.25 29.86 18.87
N ASN C 193 12.11 29.66 18.21
CA ASN C 193 11.16 30.74 17.90
C ASN C 193 10.50 31.36 19.12
N GLY C 194 10.23 30.54 20.11
CA GLY C 194 9.73 31.03 21.37
C GLY C 194 10.57 32.19 21.89
N PRO C 195 11.79 31.90 22.37
CA PRO C 195 12.59 32.89 23.11
C PRO C 195 13.01 34.06 22.23
N ALA C 196 13.26 33.81 20.95
CA ALA C 196 13.58 34.87 20.00
C ALA C 196 12.52 35.95 20.09
N GLN C 197 11.30 35.61 19.68
CA GLN C 197 10.17 36.53 19.77
C GLN C 197 10.13 37.23 21.12
N ALA C 198 10.32 36.46 22.19
CA ALA C 198 10.26 37.00 23.55
C ALA C 198 11.28 38.12 23.74
N LEU C 199 12.45 37.94 23.13
CA LEU C 199 13.51 38.94 23.20
C LEU C 199 13.13 40.22 22.45
N VAL C 200 12.85 40.06 21.16
CA VAL C 200 12.46 41.18 20.33
C VAL C 200 11.32 41.97 20.94
N VAL C 201 10.44 41.29 21.67
CA VAL C 201 9.33 41.95 22.33
C VAL C 201 9.83 42.67 23.58
N LYS C 202 10.75 42.02 24.29
CA LYS C 202 11.26 42.60 25.52
C LYS C 202 11.95 43.93 25.21
N ASN C 203 12.69 43.97 24.10
CA ASN C 203 13.41 45.15 23.68
C ASN C 203 12.47 46.34 23.44
N ALA C 204 11.46 46.10 22.62
CA ALA C 204 10.56 47.16 22.17
C ALA C 204 9.67 47.70 23.28
N GLY C 205 9.80 47.14 24.48
CA GLY C 205 8.94 47.53 25.59
C GLY C 205 7.50 47.21 25.22
N LYS C 206 7.31 46.00 24.68
CA LYS C 206 6.01 45.55 24.21
C LYS C 206 5.58 44.29 24.95
N VAL C 207 6.14 44.09 26.12
CA VAL C 207 5.77 42.97 26.96
C VAL C 207 4.28 43.02 27.24
N GLY C 208 3.61 41.87 27.16
CA GLY C 208 2.18 41.80 27.38
C GLY C 208 1.36 42.45 26.28
N LYS C 209 1.92 43.45 25.60
CA LYS C 209 1.23 44.10 24.50
C LYS C 209 1.22 43.19 23.26
N VAL C 210 2.41 42.82 22.80
CA VAL C 210 2.54 41.75 21.83
C VAL C 210 2.51 40.42 22.57
N LYS C 211 1.49 39.61 22.31
CA LYS C 211 1.34 38.32 22.99
C LYS C 211 2.21 37.27 22.32
N ILE C 212 2.63 36.27 23.09
CA ILE C 212 3.47 35.22 22.51
C ILE C 212 2.98 33.85 22.92
N VAL C 213 2.73 33.02 21.92
CA VAL C 213 2.43 31.62 22.12
C VAL C 213 3.44 30.78 21.33
N CYS C 214 4.03 29.78 21.97
CA CYS C 214 5.09 29.01 21.35
C CYS C 214 5.19 27.57 21.84
N PHE C 215 6.21 26.85 21.35
CA PHE C 215 6.40 25.45 21.70
C PHE C 215 7.58 25.22 22.62
N ASP C 216 7.55 24.09 23.29
CA ASP C 216 8.67 23.61 24.10
C ASP C 216 8.87 24.32 25.43
N THR C 217 9.65 23.69 26.31
CA THR C 217 9.83 24.16 27.67
C THR C 217 11.29 24.25 28.09
N THR C 218 12.14 24.68 27.17
CA THR C 218 13.55 24.86 27.47
C THR C 218 13.73 25.93 28.56
N PRO C 219 14.93 26.00 29.16
CA PRO C 219 15.09 26.85 30.33
C PRO C 219 14.82 28.34 30.06
N ASP C 220 15.18 28.83 28.88
CA ASP C 220 14.94 30.22 28.53
C ASP C 220 13.46 30.48 28.24
N ILE C 221 12.82 29.60 27.47
CA ILE C 221 11.39 29.72 27.27
C ILE C 221 10.68 29.74 28.63
N LEU C 222 11.04 28.78 29.50
CA LEU C 222 10.50 28.71 30.86
C LEU C 222 10.75 29.99 31.67
N GLN C 223 11.77 30.74 31.29
CA GLN C 223 12.07 31.97 32.00
C GLN C 223 11.15 33.08 31.49
N TYR C 224 11.11 33.27 30.18
CA TYR C 224 10.30 34.34 29.60
C TYR C 224 8.84 34.14 29.98
N VAL C 225 8.49 32.88 30.21
CA VAL C 225 7.14 32.54 30.66
C VAL C 225 6.95 33.07 32.06
N LYS C 226 7.83 32.66 32.96
CA LYS C 226 7.79 33.12 34.35
C LYS C 226 7.73 34.64 34.44
N GLU C 227 8.43 35.30 33.53
CA GLU C 227 8.44 36.76 33.51
C GLU C 227 7.13 37.32 32.96
N GLY C 228 6.38 36.48 32.26
CA GLY C 228 5.11 36.90 31.69
C GLY C 228 5.33 37.60 30.37
N VAL C 229 6.34 37.16 29.64
CA VAL C 229 6.60 37.70 28.32
C VAL C 229 6.01 36.73 27.31
N ILE C 230 6.10 35.45 27.63
CA ILE C 230 5.40 34.39 26.92
C ILE C 230 4.23 33.93 27.79
N GLN C 231 3.02 33.94 27.22
CA GLN C 231 1.83 33.60 27.98
C GLN C 231 1.56 32.10 27.99
N ALA C 232 2.01 31.44 26.93
CA ALA C 232 1.70 30.03 26.75
C ALA C 232 2.64 29.29 25.80
N THR C 233 3.05 28.10 26.21
CA THR C 233 3.90 27.29 25.34
C THR C 233 3.43 25.84 25.28
N MET C 234 3.58 25.21 24.12
CA MET C 234 3.20 23.82 23.99
C MET C 234 4.37 22.89 24.26
N GLY C 235 4.57 22.53 25.52
CA GLY C 235 5.65 21.62 25.87
C GLY C 235 5.51 20.24 25.24
N GLN C 236 6.55 19.79 24.55
CA GLN C 236 6.65 18.40 24.12
C GLN C 236 7.39 17.58 25.19
N ARG C 237 7.73 16.34 24.86
CA ARG C 237 8.43 15.45 25.80
C ARG C 237 9.63 14.82 25.10
N PRO C 238 10.65 15.62 24.80
CA PRO C 238 11.78 15.25 23.95
C PRO C 238 12.54 14.07 24.53
N TYR C 239 12.68 14.11 25.85
CA TYR C 239 13.30 13.01 26.58
C TYR C 239 12.65 11.64 26.30
N MET C 240 11.32 11.60 26.27
CA MET C 240 10.62 10.35 25.97
C MET C 240 10.77 9.93 24.52
N MET C 241 10.82 10.90 23.62
CA MET C 241 11.00 10.56 22.21
C MET C 241 12.29 9.78 22.09
N GLY C 242 13.32 10.29 22.76
CA GLY C 242 14.64 9.66 22.76
C GLY C 242 14.60 8.30 23.41
N TYR C 243 14.12 8.23 24.64
CA TYR C 243 14.10 6.98 25.40
C TYR C 243 13.33 5.85 24.69
N LEU C 244 12.16 6.17 24.16
CA LEU C 244 11.31 5.11 23.61
C LEU C 244 11.82 4.63 22.25
N SER C 245 12.31 5.56 21.43
CA SER C 245 13.00 5.23 20.17
C SER C 245 14.02 4.09 20.35
N VAL C 246 14.93 4.27 21.29
CA VAL C 246 15.91 3.24 21.56
C VAL C 246 15.18 1.99 21.97
N THR C 247 14.26 2.13 22.94
CA THR C 247 13.58 0.97 23.49
C THR C 247 12.84 0.18 22.42
N VAL C 248 12.20 0.88 21.49
CA VAL C 248 11.46 0.17 20.46
C VAL C 248 12.42 -0.58 19.55
N LEU C 249 13.47 0.10 19.12
CA LEU C 249 14.45 -0.48 18.22
C LEU C 249 15.17 -1.66 18.89
N TYR C 250 15.51 -1.50 20.17
CA TYR C 250 16.10 -2.57 20.94
C TYR C 250 15.23 -3.80 20.85
N LEU C 251 13.96 -3.61 21.16
CA LEU C 251 12.96 -4.67 21.12
C LEU C 251 12.85 -5.32 19.75
N MET C 252 12.85 -4.50 18.71
CA MET C 252 12.76 -5.03 17.37
C MET C 252 13.90 -6.02 17.08
N ASN C 253 15.04 -5.83 17.73
CA ASN C 253 16.12 -6.80 17.59
C ASN C 253 15.94 -8.06 18.43
N LYS C 254 15.60 -7.87 19.70
CA LYS C 254 15.46 -8.97 20.63
C LYS C 254 14.24 -9.87 20.39
N ILE C 255 13.10 -9.28 20.06
CA ILE C 255 11.88 -10.07 19.81
C ILE C 255 11.32 -9.95 18.38
N GLY C 256 11.80 -8.96 17.62
CA GLY C 256 11.40 -8.83 16.24
C GLY C 256 10.50 -7.65 15.97
N VAL C 257 10.34 -7.29 14.70
CA VAL C 257 9.50 -6.14 14.35
C VAL C 257 8.06 -6.36 14.78
N GLN C 258 7.43 -7.40 14.25
CA GLN C 258 6.02 -7.66 14.54
C GLN C 258 5.72 -7.74 16.02
N ASN C 259 6.25 -8.75 16.68
CA ASN C 259 6.08 -8.84 18.12
C ASN C 259 6.17 -7.51 18.85
N THR C 260 7.17 -6.71 18.51
CA THR C 260 7.34 -5.37 19.08
C THR C 260 6.11 -4.49 18.80
N LEU C 261 5.68 -4.49 17.55
CA LEU C 261 4.55 -3.67 17.10
C LEU C 261 3.30 -3.95 17.89
N MET C 262 3.10 -5.23 18.18
CA MET C 262 1.88 -5.70 18.82
C MET C 262 1.70 -5.09 20.20
N MET C 263 2.79 -4.54 20.73
CA MET C 263 2.75 -3.88 22.03
C MET C 263 2.37 -2.42 21.91
N LEU C 264 2.42 -1.89 20.70
CA LEU C 264 2.25 -0.45 20.51
C LEU C 264 0.84 -0.04 20.10
N PRO C 265 0.51 1.24 20.27
CA PRO C 265 -0.78 1.76 19.82
C PRO C 265 -0.95 1.60 18.31
N LYS C 266 -2.19 1.46 17.83
CA LYS C 266 -2.46 1.38 16.40
C LYS C 266 -3.32 2.57 15.94
N VAL C 267 -3.17 2.93 14.67
CA VAL C 267 -4.10 3.82 14.01
C VAL C 267 -4.49 3.14 12.71
N LYS C 268 -5.78 2.89 12.53
CA LYS C 268 -6.28 2.19 11.36
C LYS C 268 -6.76 3.20 10.33
N VAL C 269 -7.00 4.43 10.78
CA VAL C 269 -7.57 5.50 9.96
C VAL C 269 -7.15 5.41 8.48
N ASP C 270 -8.16 5.38 7.61
CA ASP C 270 -8.03 5.15 6.17
C ASP C 270 -8.55 3.77 5.79
N GLY C 271 -7.79 2.74 6.13
CA GLY C 271 -8.18 1.38 5.83
C GLY C 271 -7.07 0.38 6.07
N LYS C 272 -5.89 0.89 6.41
CA LYS C 272 -4.76 0.02 6.73
C LYS C 272 -4.00 0.54 7.95
N VAL C 273 -3.38 -0.39 8.68
CA VAL C 273 -2.85 -0.11 10.02
C VAL C 273 -1.57 0.69 10.03
N ASP C 274 -1.42 1.52 11.06
CA ASP C 274 -0.14 2.19 11.32
C ASP C 274 0.11 2.27 12.82
N TYR C 275 1.36 2.49 13.20
CA TYR C 275 1.75 2.49 14.60
C TYR C 275 2.28 3.87 14.96
N VAL C 276 1.98 4.33 16.16
CA VAL C 276 2.36 5.67 16.57
C VAL C 276 2.33 5.80 18.08
N ILE C 277 3.40 6.36 18.65
CA ILE C 277 3.46 6.58 20.08
C ILE C 277 3.38 8.06 20.39
N ASP C 278 2.19 8.51 20.76
CA ASP C 278 1.96 9.89 21.16
C ASP C 278 2.73 10.20 22.45
N THR C 279 3.76 11.04 22.36
CA THR C 279 4.58 11.33 23.54
C THR C 279 3.97 12.36 24.48
N GLY C 280 2.86 12.95 24.06
CA GLY C 280 2.17 13.91 24.90
C GLY C 280 2.63 15.34 24.75
N VAL C 281 1.83 16.26 25.28
CA VAL C 281 2.11 17.68 25.14
C VAL C 281 1.40 18.45 26.26
N ASP C 282 2.08 19.43 26.82
CA ASP C 282 1.58 20.15 27.98
C ASP C 282 1.41 21.62 27.69
N VAL C 283 0.18 22.11 27.79
CA VAL C 283 -0.04 23.54 27.73
C VAL C 283 0.57 24.15 29.00
N VAL C 284 1.59 24.98 28.84
CA VAL C 284 2.22 25.60 30.00
C VAL C 284 1.92 27.10 30.06
N THR C 285 1.54 27.58 31.24
CA THR C 285 1.22 28.98 31.44
C THR C 285 1.84 29.45 32.73
N PRO C 286 2.06 30.76 32.85
CA PRO C 286 2.68 31.31 34.05
C PRO C 286 1.88 30.94 35.30
N GLU C 287 0.59 30.66 35.13
CA GLU C 287 -0.23 30.22 36.25
C GLU C 287 0.13 28.79 36.65
N ASN C 288 0.06 27.87 35.70
CA ASN C 288 0.32 26.45 35.98
C ASN C 288 1.79 26.03 35.87
N LEU C 289 2.71 26.98 35.86
CA LEU C 289 4.11 26.65 35.67
C LEU C 289 4.62 25.74 36.78
N ASP C 290 4.40 26.16 38.02
CA ASP C 290 4.94 25.44 39.17
C ASP C 290 4.37 24.01 39.27
N GLU C 291 3.10 23.85 38.90
CA GLU C 291 2.47 22.54 38.95
C GLU C 291 2.96 21.66 37.80
N TYR C 292 3.63 22.30 36.84
CA TYR C 292 4.15 21.60 35.67
C TYR C 292 5.50 20.97 35.99
N LEU C 293 6.41 21.78 36.52
CA LEU C 293 7.71 21.28 36.92
C LEU C 293 7.54 20.07 37.84
N LYS C 294 6.60 20.18 38.79
CA LYS C 294 6.26 19.07 39.66
C LYS C 294 5.87 17.83 38.86
N LYS C 295 4.98 18.03 37.89
CA LYS C 295 4.51 16.95 37.02
C LYS C 295 5.66 16.22 36.32
N MET C 296 6.62 16.99 35.81
CA MET C 296 7.77 16.45 35.11
C MET C 296 8.63 15.56 36.00
N GLU C 297 8.66 15.88 37.29
CA GLU C 297 9.41 15.08 38.25
C GLU C 297 8.71 13.73 38.49
N GLU C 298 7.41 13.79 38.78
CA GLU C 298 6.62 12.57 38.96
C GLU C 298 6.55 11.72 37.71
N LEU C 299 6.96 12.29 36.57
CA LEU C 299 7.02 11.53 35.33
C LEU C 299 8.42 10.96 35.08
N GLY C 300 9.37 11.38 35.92
CA GLY C 300 10.76 10.97 35.78
C GLY C 300 11.45 11.59 34.58
N ILE C 301 11.00 12.79 34.20
CA ILE C 301 11.58 13.55 33.07
C ILE C 301 12.41 14.70 33.62
N PRO C 302 13.67 14.80 33.17
CA PRO C 302 14.59 15.81 33.70
C PRO C 302 14.32 17.19 33.14
N ILE C 303 14.03 18.15 34.02
CA ILE C 303 13.83 19.54 33.61
C ILE C 303 14.95 20.46 34.10
N LYS C 304 15.73 20.96 33.15
CA LYS C 304 16.82 21.89 33.41
C LYS C 304 16.26 23.30 33.64
N PHE C 305 16.89 24.06 34.54
CA PHE C 305 16.39 25.39 34.85
C PHE C 305 17.53 26.42 34.94
N MET D 1 -34.58 44.05 -11.48
CA MET D 1 -33.21 43.55 -11.57
C MET D 1 -33.09 42.49 -12.67
N LEU D 2 -31.87 42.28 -13.14
CA LEU D 2 -31.63 41.34 -14.22
C LEU D 2 -31.85 39.90 -13.77
N THR D 3 -32.17 39.05 -14.73
CA THR D 3 -32.36 37.65 -14.47
C THR D 3 -31.64 36.84 -15.53
N ILE D 4 -30.94 35.78 -15.10
CA ILE D 4 -30.10 35.00 -15.99
C ILE D 4 -30.45 33.53 -15.93
N GLY D 5 -30.68 32.93 -17.08
CA GLY D 5 -31.00 31.52 -17.15
C GLY D 5 -29.82 30.61 -17.38
N VAL D 6 -29.80 29.49 -16.67
CA VAL D 6 -28.78 28.47 -16.83
C VAL D 6 -29.44 27.12 -17.06
N ILE D 7 -29.00 26.41 -18.10
CA ILE D 7 -29.58 25.12 -18.44
C ILE D 7 -28.53 24.00 -18.43
N GLY D 8 -28.71 23.05 -17.52
CA GLY D 8 -27.82 21.92 -17.35
C GLY D 8 -28.19 20.71 -18.18
N LYS D 9 -27.64 19.56 -17.83
CA LYS D 9 -27.79 18.35 -18.65
C LYS D 9 -28.51 17.18 -17.94
N SER D 10 -28.31 17.05 -16.64
CA SER D 10 -29.01 16.03 -15.89
C SER D 10 -29.09 16.36 -14.41
N VAL D 11 -29.79 15.51 -13.66
CA VAL D 11 -29.92 15.67 -12.23
C VAL D 11 -28.84 14.84 -11.55
N HIS D 12 -27.80 15.51 -11.09
CA HIS D 12 -26.67 14.80 -10.50
C HIS D 12 -25.95 15.78 -9.59
N PRO D 13 -25.30 15.25 -8.53
CA PRO D 13 -24.46 16.03 -7.63
C PRO D 13 -23.50 16.96 -8.38
N TYR D 14 -23.00 16.51 -9.52
CA TYR D 14 -22.11 17.33 -10.33
C TYR D 14 -22.77 18.66 -10.67
N TRP D 15 -24.00 18.61 -11.17
CA TRP D 15 -24.68 19.85 -11.52
C TRP D 15 -25.10 20.68 -10.32
N SER D 16 -25.25 20.03 -9.16
CA SER D 16 -25.53 20.77 -7.94
C SER D 16 -24.35 21.68 -7.64
N GLN D 17 -23.14 21.15 -7.86
CA GLN D 17 -21.92 21.93 -7.74
C GLN D 17 -21.99 23.12 -8.68
N VAL D 18 -22.49 22.88 -9.88
CA VAL D 18 -22.64 23.95 -10.85
C VAL D 18 -23.62 25.00 -10.35
N GLU D 19 -24.78 24.52 -9.89
CA GLU D 19 -25.89 25.37 -9.44
C GLU D 19 -25.42 26.26 -8.30
N GLN D 20 -24.71 25.65 -7.37
CA GLN D 20 -24.05 26.32 -6.26
C GLN D 20 -23.15 27.45 -6.75
N GLY D 21 -22.49 27.24 -7.88
CA GLY D 21 -21.81 28.34 -8.55
C GLY D 21 -22.81 29.40 -9.01
N VAL D 22 -23.75 28.99 -9.87
CA VAL D 22 -24.78 29.88 -10.38
C VAL D 22 -25.36 30.76 -9.26
N LYS D 23 -25.83 30.11 -8.21
CA LYS D 23 -26.40 30.78 -7.04
C LYS D 23 -25.44 31.79 -6.42
N ALA D 24 -24.25 31.34 -6.06
CA ALA D 24 -23.28 32.18 -5.38
C ALA D 24 -22.94 33.40 -6.23
N ALA D 25 -22.86 33.20 -7.54
CA ALA D 25 -22.52 34.31 -8.43
C ALA D 25 -23.63 35.32 -8.33
N GLY D 26 -24.83 34.88 -8.74
CA GLY D 26 -26.04 35.68 -8.69
C GLY D 26 -26.25 36.46 -7.40
N LYS D 27 -25.99 35.82 -6.27
CA LYS D 27 -26.03 36.50 -4.99
C LYS D 27 -25.03 37.65 -4.91
N ALA D 28 -23.78 37.40 -5.30
CA ALA D 28 -22.73 38.43 -5.24
C ALA D 28 -22.95 39.62 -6.16
N LEU D 29 -23.64 39.41 -7.26
CA LEU D 29 -23.78 40.44 -8.27
C LEU D 29 -25.08 41.20 -8.10
N GLY D 30 -26.04 40.57 -7.44
CA GLY D 30 -27.38 41.13 -7.32
C GLY D 30 -28.13 40.95 -8.63
N VAL D 31 -28.42 39.69 -8.94
CA VAL D 31 -29.07 39.33 -10.18
C VAL D 31 -29.74 37.97 -10.01
N ASP D 32 -30.96 37.84 -10.52
CA ASP D 32 -31.73 36.62 -10.35
C ASP D 32 -31.25 35.56 -11.30
N THR D 33 -31.31 34.31 -10.83
CA THR D 33 -30.84 33.18 -11.61
C THR D 33 -31.89 32.08 -11.69
N LYS D 34 -32.15 31.63 -12.91
CA LYS D 34 -33.00 30.49 -13.16
C LYS D 34 -32.14 29.29 -13.56
N PHE D 35 -31.90 28.37 -12.63
CA PHE D 35 -31.14 27.16 -12.94
C PHE D 35 -32.10 25.99 -13.20
N PHE D 36 -31.83 25.19 -14.23
CA PHE D 36 -32.67 24.03 -14.53
C PHE D 36 -31.94 22.84 -15.18
N VAL D 37 -32.01 21.67 -14.56
CA VAL D 37 -31.53 20.43 -15.17
C VAL D 37 -32.62 19.36 -15.26
N PRO D 38 -32.72 18.71 -16.43
CA PRO D 38 -33.71 17.65 -16.67
C PRO D 38 -33.57 16.45 -15.74
N GLN D 39 -34.62 15.63 -15.69
CA GLN D 39 -34.60 14.39 -14.94
C GLN D 39 -33.85 13.36 -15.75
N LYS D 40 -34.38 13.06 -16.93
CA LYS D 40 -33.64 12.28 -17.94
C LYS D 40 -33.13 13.22 -19.04
N CYS D 41 -31.84 13.14 -19.33
CA CYS D 41 -31.20 14.04 -20.29
C CYS D 41 -31.81 13.96 -21.68
N ASP D 42 -32.60 14.97 -22.03
CA ASP D 42 -33.16 15.06 -23.36
C ASP D 42 -32.89 16.43 -23.98
N ILE D 43 -32.22 16.43 -25.13
CA ILE D 43 -31.99 17.65 -25.88
C ILE D 43 -33.30 18.48 -25.97
N ASN D 44 -34.44 17.79 -26.02
CA ASN D 44 -35.74 18.45 -26.13
C ASN D 44 -36.20 19.16 -24.85
N ALA D 45 -36.01 18.51 -23.71
CA ALA D 45 -36.28 19.19 -22.44
C ALA D 45 -35.59 20.55 -22.45
N GLN D 46 -34.32 20.56 -22.84
CA GLN D 46 -33.50 21.78 -22.87
C GLN D 46 -34.07 22.89 -23.78
N LEU D 47 -34.39 22.53 -25.02
CA LEU D 47 -34.93 23.48 -25.98
C LEU D 47 -36.22 24.04 -25.44
N GLN D 48 -37.06 23.15 -24.96
CA GLN D 48 -38.28 23.53 -24.29
C GLN D 48 -37.96 24.65 -23.29
N MET D 49 -37.24 24.31 -22.23
CA MET D 49 -36.90 25.26 -21.19
C MET D 49 -36.29 26.53 -21.73
N LEU D 50 -35.72 26.44 -22.93
CA LEU D 50 -35.03 27.56 -23.55
C LEU D 50 -36.02 28.57 -24.12
N GLU D 51 -36.94 28.06 -24.93
CA GLU D 51 -38.09 28.83 -25.40
C GLU D 51 -38.81 29.48 -24.21
N SER D 52 -39.09 28.67 -23.20
CA SER D 52 -39.63 29.21 -21.96
C SER D 52 -38.77 30.41 -21.54
N PHE D 53 -37.47 30.20 -21.42
CA PHE D 53 -36.58 31.25 -20.95
C PHE D 53 -36.62 32.45 -21.89
N ILE D 54 -36.52 32.18 -23.18
CA ILE D 54 -36.59 33.26 -24.16
C ILE D 54 -37.85 34.08 -23.88
N ALA D 55 -38.95 33.37 -23.70
CA ALA D 55 -40.26 33.98 -23.53
C ALA D 55 -40.33 34.95 -22.36
N GLU D 56 -39.92 34.49 -21.18
CA GLU D 56 -39.93 35.33 -19.99
C GLU D 56 -39.07 36.59 -20.15
N GLY D 57 -38.32 36.65 -21.26
CA GLY D 57 -37.42 37.75 -21.49
C GLY D 57 -36.25 37.72 -20.52
N VAL D 58 -35.71 36.53 -20.28
CA VAL D 58 -34.50 36.39 -19.49
C VAL D 58 -33.41 37.21 -20.19
N ASN D 59 -32.50 37.74 -19.39
CA ASN D 59 -31.48 38.66 -19.89
C ASN D 59 -30.24 37.98 -20.47
N GLY D 60 -30.01 36.72 -20.11
CA GLY D 60 -28.85 35.99 -20.60
C GLY D 60 -28.94 34.52 -20.29
N ILE D 61 -28.38 33.70 -21.18
CA ILE D 61 -28.51 32.25 -21.07
C ILE D 61 -27.17 31.52 -21.19
N ALA D 62 -26.89 30.67 -20.21
CA ALA D 62 -25.77 29.75 -20.31
C ALA D 62 -26.31 28.33 -20.39
N ILE D 63 -26.07 27.67 -21.52
CA ILE D 63 -26.58 26.33 -21.71
C ILE D 63 -25.48 25.32 -21.95
N ALA D 64 -25.73 24.06 -21.62
CA ALA D 64 -24.80 22.98 -21.86
C ALA D 64 -25.37 22.01 -22.89
N PRO D 65 -25.33 22.38 -24.17
CA PRO D 65 -26.01 21.65 -25.26
C PRO D 65 -25.76 20.13 -25.26
N SER D 66 -26.79 19.35 -24.92
CA SER D 66 -26.69 17.89 -24.97
C SER D 66 -26.57 17.45 -26.42
N ASP D 67 -27.06 18.27 -27.33
CA ASP D 67 -26.79 18.08 -28.73
C ASP D 67 -26.39 19.41 -29.32
N PRO D 68 -25.15 19.52 -29.79
CA PRO D 68 -24.57 20.77 -30.29
C PRO D 68 -25.35 21.29 -31.48
N THR D 69 -25.79 20.35 -32.32
CA THR D 69 -26.45 20.69 -33.57
C THR D 69 -27.89 21.14 -33.33
N ALA D 70 -28.65 20.34 -32.60
CA ALA D 70 -30.06 20.62 -32.32
C ALA D 70 -30.31 22.02 -31.74
N VAL D 71 -29.41 22.47 -30.86
CA VAL D 71 -29.59 23.74 -30.14
C VAL D 71 -29.36 24.98 -31.01
N ILE D 72 -28.62 24.82 -32.10
CA ILE D 72 -28.20 25.98 -32.89
C ILE D 72 -29.33 27.00 -33.12
N PRO D 73 -30.38 26.61 -33.85
CA PRO D 73 -31.47 27.55 -34.20
C PRO D 73 -32.09 28.25 -32.98
N THR D 74 -32.41 27.49 -31.94
CA THR D 74 -33.01 28.07 -30.75
C THR D 74 -32.11 29.15 -30.15
N ILE D 75 -30.81 29.00 -30.34
CA ILE D 75 -29.83 29.95 -29.82
C ILE D 75 -29.69 31.16 -30.72
N LYS D 76 -29.68 30.91 -32.02
CA LYS D 76 -29.57 32.01 -32.98
C LYS D 76 -30.72 32.98 -32.81
N LYS D 77 -31.88 32.46 -32.42
CA LYS D 77 -33.06 33.27 -32.17
C LYS D 77 -32.93 34.09 -30.90
N ALA D 78 -32.54 33.44 -29.81
CA ALA D 78 -32.32 34.16 -28.56
C ALA D 78 -31.40 35.34 -28.81
N LEU D 79 -30.30 35.09 -29.50
CA LEU D 79 -29.38 36.14 -29.91
C LEU D 79 -30.09 37.26 -30.67
N GLU D 80 -30.94 36.89 -31.63
CA GLU D 80 -31.75 37.86 -32.38
C GLU D 80 -32.56 38.77 -31.46
N MET D 81 -33.22 38.16 -30.48
CA MET D 81 -33.99 38.90 -29.49
C MET D 81 -33.09 39.80 -28.66
N GLY D 82 -31.79 39.74 -28.93
CA GLY D 82 -30.82 40.50 -28.15
C GLY D 82 -30.65 39.88 -26.78
N ILE D 83 -30.60 38.55 -26.75
CA ILE D 83 -30.29 37.82 -25.53
C ILE D 83 -28.95 37.11 -25.66
N PRO D 84 -27.96 37.54 -24.86
CA PRO D 84 -26.59 37.02 -24.80
C PRO D 84 -26.55 35.55 -24.37
N VAL D 85 -25.89 34.72 -25.18
CA VAL D 85 -25.81 33.31 -24.91
C VAL D 85 -24.37 32.85 -24.85
N VAL D 86 -24.06 32.01 -23.87
CA VAL D 86 -22.76 31.41 -23.73
C VAL D 86 -23.01 29.94 -23.48
N THR D 87 -21.96 29.13 -23.54
CA THR D 87 -22.09 27.71 -23.24
C THR D 87 -21.24 27.38 -22.04
N LEU D 88 -21.44 26.18 -21.50
CA LEU D 88 -20.67 25.76 -20.35
C LEU D 88 -20.70 24.25 -20.28
N ASP D 89 -19.66 23.69 -19.67
CA ASP D 89 -19.51 22.23 -19.53
C ASP D 89 -19.32 21.49 -20.87
N THR D 90 -20.10 21.85 -21.88
CA THR D 90 -19.95 21.28 -23.22
C THR D 90 -20.35 22.36 -24.22
N ASP D 91 -19.89 22.22 -25.47
CA ASP D 91 -19.97 23.36 -26.39
C ASP D 91 -20.83 23.13 -27.64
N SER D 92 -21.33 24.23 -28.21
CA SER D 92 -21.90 24.23 -29.56
C SER D 92 -21.24 25.37 -30.34
N PRO D 93 -20.07 25.09 -30.95
CA PRO D 93 -19.18 26.13 -31.49
C PRO D 93 -19.82 27.05 -32.52
N ASP D 94 -20.64 26.50 -33.42
CA ASP D 94 -21.28 27.29 -34.48
C ASP D 94 -22.67 27.74 -34.09
N SER D 95 -23.05 27.53 -32.83
CA SER D 95 -24.33 27.97 -32.33
C SER D 95 -24.43 29.47 -32.43
N GLY D 96 -23.29 30.13 -32.28
CA GLY D 96 -23.23 31.58 -32.26
C GLY D 96 -23.04 32.15 -30.87
N ARG D 97 -23.03 31.27 -29.87
CA ARG D 97 -22.78 31.68 -28.50
C ARG D 97 -21.50 32.52 -28.39
N TYR D 98 -21.35 33.26 -27.31
CA TYR D 98 -20.25 34.22 -27.25
C TYR D 98 -18.98 33.65 -26.67
N VAL D 99 -19.10 32.88 -25.59
CA VAL D 99 -17.94 32.28 -24.95
C VAL D 99 -18.22 30.83 -24.59
N TYR D 100 -17.17 30.02 -24.48
CA TYR D 100 -17.32 28.69 -23.92
C TYR D 100 -16.64 28.66 -22.55
N ILE D 101 -17.42 28.34 -21.53
CA ILE D 101 -16.87 28.28 -20.19
C ILE D 101 -16.88 26.84 -19.74
N GLY D 102 -15.74 26.17 -19.85
CA GLY D 102 -15.65 24.81 -19.39
C GLY D 102 -14.27 24.21 -19.32
N THR D 103 -14.24 22.89 -19.36
CA THR D 103 -13.02 22.11 -19.22
C THR D 103 -12.42 21.86 -20.60
N ASP D 104 -11.10 21.67 -20.68
CA ASP D 104 -10.49 21.28 -21.94
C ASP D 104 -10.66 19.80 -22.13
N ASN D 105 -11.69 19.44 -22.88
CA ASN D 105 -12.14 18.05 -22.90
C ASN D 105 -11.18 17.11 -23.57
N TYR D 106 -10.70 17.46 -24.76
CA TYR D 106 -9.67 16.65 -25.39
C TYR D 106 -8.44 16.49 -24.48
N GLN D 107 -7.87 17.61 -24.05
CA GLN D 107 -6.68 17.62 -23.21
C GLN D 107 -6.88 16.69 -22.04
N ALA D 108 -8.06 16.80 -21.44
CA ALA D 108 -8.36 16.03 -20.26
C ALA D 108 -8.45 14.54 -20.59
N GLY D 109 -9.12 14.25 -21.70
CA GLY D 109 -9.29 12.88 -22.15
C GLY D 109 -7.95 12.26 -22.43
N TYR D 110 -7.14 13.00 -23.17
CA TYR D 110 -5.78 12.59 -23.44
C TYR D 110 -5.02 12.28 -22.15
N THR D 111 -4.86 13.27 -21.30
CA THR D 111 -4.16 13.07 -20.02
C THR D 111 -4.61 11.80 -19.30
N ALA D 112 -5.93 11.58 -19.23
CA ALA D 112 -6.47 10.40 -18.58
C ALA D 112 -6.04 9.11 -19.28
N GLY D 113 -6.02 9.17 -20.61
CA GLY D 113 -5.55 8.05 -21.42
C GLY D 113 -4.12 7.70 -21.09
N LEU D 114 -3.27 8.72 -20.99
CA LEU D 114 -1.90 8.52 -20.60
C LEU D 114 -1.83 7.84 -19.25
N ILE D 115 -2.73 8.24 -18.35
CA ILE D 115 -2.80 7.66 -17.02
C ILE D 115 -3.14 6.18 -17.07
N MET D 116 -4.19 5.85 -17.83
CA MET D 116 -4.59 4.47 -18.07
C MET D 116 -3.40 3.67 -18.60
N LYS D 117 -2.86 4.12 -19.74
CA LYS D 117 -1.74 3.47 -20.39
C LYS D 117 -0.67 3.10 -19.38
N GLU D 118 -0.35 4.05 -18.52
CA GLU D 118 0.67 3.81 -17.50
C GLU D 118 0.26 2.65 -16.61
N LEU D 119 -0.88 2.83 -15.93
CA LEU D 119 -1.39 1.84 -15.00
C LEU D 119 -1.38 0.44 -15.61
N LEU D 120 -1.80 0.35 -16.88
CA LEU D 120 -1.93 -0.95 -17.53
C LEU D 120 -0.60 -1.53 -17.98
N GLY D 121 0.35 -0.65 -18.28
CA GLY D 121 1.61 -1.08 -18.85
C GLY D 121 1.46 -1.16 -20.35
N GLY D 122 0.73 -0.21 -20.92
CA GLY D 122 0.57 -0.11 -22.37
C GLY D 122 -0.13 -1.29 -23.00
N LYS D 123 -0.74 -2.13 -22.16
CA LYS D 123 -1.22 -3.43 -22.60
C LYS D 123 -2.56 -3.79 -21.97
N GLY D 124 -3.55 -4.11 -22.81
CA GLY D 124 -4.81 -4.64 -22.30
C GLY D 124 -6.13 -4.24 -22.92
N LYS D 125 -7.21 -4.64 -22.24
CA LYS D 125 -8.58 -4.40 -22.68
C LYS D 125 -9.27 -3.39 -21.77
N VAL D 126 -10.01 -2.47 -22.39
CA VAL D 126 -10.67 -1.41 -21.65
C VAL D 126 -12.12 -1.26 -22.12
N VAL D 127 -13.00 -0.98 -21.16
CA VAL D 127 -14.38 -0.62 -21.47
C VAL D 127 -14.57 0.86 -21.11
N ILE D 128 -15.27 1.58 -21.97
CA ILE D 128 -15.62 2.97 -21.70
C ILE D 128 -17.08 3.09 -21.23
N GLY D 129 -17.31 3.95 -20.25
CA GLY D 129 -18.67 4.28 -19.87
C GLY D 129 -18.95 5.76 -20.10
N THR D 130 -20.01 6.06 -20.83
CA THR D 130 -20.38 7.46 -21.03
C THR D 130 -21.88 7.67 -20.87
N GLY D 131 -22.29 8.93 -20.81
CA GLY D 131 -23.70 9.28 -20.77
C GLY D 131 -24.22 9.83 -22.08
N SER D 132 -23.36 9.98 -23.09
CA SER D 132 -23.82 10.54 -24.37
C SER D 132 -22.95 10.22 -25.59
N LEU D 133 -23.42 10.63 -26.76
CA LEU D 133 -22.74 10.36 -28.02
C LEU D 133 -22.99 11.49 -29.01
N THR D 134 -23.54 12.59 -28.51
CA THR D 134 -23.68 13.77 -29.34
C THR D 134 -23.04 14.98 -28.64
N ALA D 135 -23.00 14.95 -27.31
CA ALA D 135 -22.44 16.04 -26.50
C ALA D 135 -20.95 16.17 -26.76
N MET D 136 -20.53 17.37 -27.17
CA MET D 136 -19.15 17.63 -27.52
C MET D 136 -18.15 17.16 -26.45
N ASN D 137 -18.43 17.46 -25.19
CA ASN D 137 -17.49 17.11 -24.11
C ASN D 137 -17.17 15.61 -24.02
N SER D 138 -18.17 14.77 -24.25
CA SER D 138 -17.99 13.33 -24.20
C SER D 138 -17.21 12.85 -25.42
N LEU D 139 -17.63 13.31 -26.59
CA LEU D 139 -16.91 12.97 -27.81
C LEU D 139 -15.44 13.34 -27.66
N GLN D 140 -15.18 14.60 -27.32
CA GLN D 140 -13.83 15.09 -27.07
C GLN D 140 -13.03 14.17 -26.13
N ARG D 141 -13.57 13.91 -24.94
CA ARG D 141 -12.82 13.12 -23.96
C ARG D 141 -12.51 11.71 -24.47
N ILE D 142 -13.36 11.20 -25.35
CA ILE D 142 -13.13 9.86 -25.90
C ILE D 142 -12.11 9.88 -27.05
N GLN D 143 -12.21 10.87 -27.93
CA GLN D 143 -11.15 11.07 -28.92
C GLN D 143 -9.78 11.24 -28.27
N GLY D 144 -9.71 12.07 -27.23
CA GLY D 144 -8.48 12.31 -26.49
C GLY D 144 -7.93 11.04 -25.87
N PHE D 145 -8.80 10.31 -25.18
CA PHE D 145 -8.40 9.05 -24.58
C PHE D 145 -7.93 8.05 -25.65
N LYS D 146 -8.68 7.96 -26.74
CA LYS D 146 -8.34 7.07 -27.86
C LYS D 146 -6.95 7.36 -28.41
N ASP D 147 -6.69 8.64 -28.66
CA ASP D 147 -5.46 9.08 -29.32
C ASP D 147 -4.25 8.82 -28.43
N ALA D 148 -4.38 9.14 -27.15
CA ALA D 148 -3.33 8.83 -26.18
C ALA D 148 -2.90 7.34 -26.18
N ILE D 149 -3.87 6.42 -26.29
CA ILE D 149 -3.56 5.00 -26.21
C ILE D 149 -3.34 4.36 -27.59
N LYS D 150 -3.69 5.10 -28.64
CA LYS D 150 -3.57 4.61 -30.00
C LYS D 150 -2.17 4.10 -30.32
N ASP D 151 -1.20 4.52 -29.51
CA ASP D 151 0.19 4.10 -29.75
C ASP D 151 0.44 2.66 -29.31
N SER D 152 -0.24 2.25 -28.25
CA SER D 152 0.08 1.03 -27.52
C SER D 152 -0.68 -0.21 -27.95
N GLU D 153 -0.51 -1.28 -27.17
CA GLU D 153 -1.19 -2.54 -27.40
C GLU D 153 -2.54 -2.57 -26.68
N ILE D 154 -3.03 -1.39 -26.29
CA ILE D 154 -4.29 -1.28 -25.58
C ILE D 154 -5.47 -1.15 -26.54
N GLU D 155 -6.46 -2.03 -26.39
CA GLU D 155 -7.65 -2.00 -27.23
C GLU D 155 -8.95 -1.72 -26.46
N ILE D 156 -9.84 -0.96 -27.09
CA ILE D 156 -11.09 -0.56 -26.50
C ILE D 156 -12.20 -1.48 -26.99
N VAL D 157 -12.66 -2.35 -26.10
CA VAL D 157 -13.63 -3.40 -26.46
C VAL D 157 -15.07 -2.91 -26.38
N ASP D 158 -15.33 -1.89 -25.57
CA ASP D 158 -16.69 -1.38 -25.50
C ASP D 158 -16.80 0.09 -25.11
N ILE D 159 -17.79 0.75 -25.71
CA ILE D 159 -18.14 2.12 -25.41
C ILE D 159 -19.63 2.12 -25.13
N LEU D 160 -19.98 2.09 -23.84
CA LEU D 160 -21.36 1.91 -23.40
C LEU D 160 -21.99 3.23 -22.97
N ASN D 161 -23.04 3.63 -23.69
CA ASN D 161 -23.77 4.86 -23.41
C ASN D 161 -25.01 4.64 -22.52
N ASP D 162 -24.96 5.16 -21.29
CA ASP D 162 -26.08 4.97 -20.35
C ASP D 162 -26.97 6.20 -20.25
N CYS D 163 -26.86 7.07 -21.25
CA CYS D 163 -27.68 8.29 -21.35
C CYS D 163 -27.82 9.02 -20.02
N GLU D 164 -26.77 8.97 -19.21
CA GLU D 164 -26.74 9.71 -17.95
C GLU D 164 -27.76 9.15 -16.98
N ASP D 165 -27.70 7.83 -16.80
CA ASP D 165 -28.54 7.11 -15.85
C ASP D 165 -27.69 6.21 -14.96
N GLY D 166 -27.77 6.45 -13.65
CA GLY D 166 -27.01 5.70 -12.68
C GLY D 166 -27.17 4.20 -12.77
N ALA D 167 -28.39 3.71 -12.58
CA ALA D 167 -28.65 2.27 -12.58
C ALA D 167 -28.41 1.62 -13.94
N ARG D 168 -28.61 2.38 -15.02
CA ARG D 168 -28.36 1.85 -16.36
C ARG D 168 -26.87 1.61 -16.56
N ALA D 169 -26.05 2.51 -16.03
CA ALA D 169 -24.61 2.35 -16.08
C ALA D 169 -24.20 1.10 -15.31
N VAL D 170 -24.65 1.02 -14.07
CA VAL D 170 -24.25 -0.08 -13.19
C VAL D 170 -24.40 -1.44 -13.85
N SER D 171 -25.49 -1.64 -14.59
CA SER D 171 -25.76 -2.93 -15.21
C SER D 171 -24.95 -3.14 -16.47
N LEU D 172 -24.71 -2.05 -17.20
CA LEU D 172 -23.85 -2.09 -18.37
C LEU D 172 -22.46 -2.59 -17.97
N ALA D 173 -22.01 -2.18 -16.78
CA ALA D 173 -20.70 -2.57 -16.29
C ALA D 173 -20.68 -3.98 -15.72
N GLU D 174 -21.75 -4.38 -15.04
CA GLU D 174 -21.89 -5.75 -14.58
C GLU D 174 -21.73 -6.63 -15.80
N ALA D 175 -22.52 -6.32 -16.82
CA ALA D 175 -22.55 -7.04 -18.08
C ALA D 175 -21.18 -7.02 -18.75
N ALA D 176 -20.65 -5.82 -18.97
CA ALA D 176 -19.33 -5.67 -19.58
C ALA D 176 -18.29 -6.52 -18.84
N LEU D 177 -18.31 -6.46 -17.52
CA LEU D 177 -17.40 -7.25 -16.70
C LEU D 177 -17.65 -8.74 -16.91
N ASN D 178 -18.90 -9.09 -17.21
CA ASN D 178 -19.25 -10.48 -17.50
C ASN D 178 -18.73 -10.92 -18.86
N ALA D 179 -19.15 -10.22 -19.91
CA ALA D 179 -18.78 -10.55 -21.27
C ALA D 179 -17.27 -10.56 -21.43
N HIS D 180 -16.59 -9.81 -20.59
CA HIS D 180 -15.14 -9.65 -20.67
C HIS D 180 -14.47 -9.93 -19.33
N PRO D 181 -14.40 -11.20 -18.94
CA PRO D 181 -13.84 -11.62 -17.65
C PRO D 181 -12.32 -11.46 -17.56
N ASP D 182 -11.68 -11.12 -18.67
CA ASP D 182 -10.24 -10.90 -18.68
C ASP D 182 -9.93 -9.41 -18.68
N LEU D 183 -10.94 -8.61 -18.33
CA LEU D 183 -10.83 -7.16 -18.38
C LEU D 183 -9.70 -6.61 -17.50
N ASP D 184 -9.23 -5.41 -17.86
CA ASP D 184 -8.11 -4.81 -17.16
C ASP D 184 -8.47 -3.47 -16.56
N ALA D 185 -9.40 -2.74 -17.19
CA ALA D 185 -9.80 -1.43 -16.69
C ALA D 185 -11.07 -0.83 -17.33
N PHE D 186 -11.66 0.11 -16.59
CA PHE D 186 -12.80 0.92 -17.04
C PHE D 186 -12.38 2.38 -17.14
N PHE D 187 -13.00 3.10 -18.06
CA PHE D 187 -12.75 4.52 -18.17
C PHE D 187 -14.07 5.28 -18.16
N GLY D 188 -14.27 6.09 -17.12
CA GLY D 188 -15.52 6.80 -16.94
C GLY D 188 -15.57 8.25 -17.43
N VAL D 189 -16.25 8.46 -18.55
CA VAL D 189 -16.28 9.77 -19.18
C VAL D 189 -17.08 10.83 -18.41
N TYR D 190 -18.16 10.38 -17.77
CA TYR D 190 -19.08 11.28 -17.09
C TYR D 190 -19.10 11.01 -15.59
N ALA D 191 -19.85 11.83 -14.85
CA ALA D 191 -19.90 11.76 -13.38
C ALA D 191 -20.49 10.46 -12.85
N TYR D 192 -21.51 9.93 -13.53
CA TYR D 192 -22.11 8.67 -13.12
C TYR D 192 -21.09 7.55 -13.24
N ASN D 193 -20.31 7.58 -14.33
CA ASN D 193 -19.54 6.42 -14.78
C ASN D 193 -18.41 6.02 -13.87
N GLY D 194 -17.79 7.00 -13.23
CA GLY D 194 -16.81 6.72 -12.21
C GLY D 194 -17.31 5.71 -11.19
N PRO D 195 -18.25 6.14 -10.33
CA PRO D 195 -18.64 5.33 -9.16
C PRO D 195 -19.34 4.03 -9.56
N ALA D 196 -20.09 4.06 -10.65
CA ALA D 196 -20.73 2.87 -11.16
C ALA D 196 -19.69 1.77 -11.30
N GLN D 197 -18.76 1.97 -12.24
CA GLN D 197 -17.65 1.04 -12.46
C GLN D 197 -17.03 0.60 -11.14
N ALA D 198 -16.79 1.55 -10.25
CA ALA D 198 -16.17 1.28 -8.96
C ALA D 198 -16.97 0.25 -8.17
N LEU D 199 -18.30 0.37 -8.24
CA LEU D 199 -19.19 -0.55 -7.57
C LEU D 199 -19.11 -1.96 -8.16
N VAL D 200 -19.38 -2.05 -9.46
CA VAL D 200 -19.33 -3.32 -10.16
C VAL D 200 -18.00 -4.04 -9.94
N VAL D 201 -16.93 -3.26 -9.76
CA VAL D 201 -15.62 -3.85 -9.52
C VAL D 201 -15.53 -4.30 -8.07
N LYS D 202 -16.12 -3.51 -7.18
CA LYS D 202 -16.06 -3.83 -5.75
C LYS D 202 -16.76 -5.15 -5.49
N ASN D 203 -17.89 -5.36 -6.17
CA ASN D 203 -18.68 -6.58 -6.05
C ASN D 203 -17.88 -7.82 -6.44
N ALA D 204 -17.28 -7.78 -7.63
CA ALA D 204 -16.62 -8.94 -8.19
C ALA D 204 -15.33 -9.29 -7.46
N GLY D 205 -14.99 -8.53 -6.44
CA GLY D 205 -13.72 -8.74 -5.74
C GLY D 205 -12.58 -8.55 -6.71
N LYS D 206 -12.66 -7.47 -7.49
CA LYS D 206 -11.68 -7.17 -8.53
C LYS D 206 -11.03 -5.82 -8.29
N VAL D 207 -11.09 -5.36 -7.04
CA VAL D 207 -10.44 -4.12 -6.65
C VAL D 207 -8.97 -4.19 -6.99
N GLY D 208 -8.44 -3.09 -7.54
CA GLY D 208 -7.04 -3.04 -7.95
C GLY D 208 -6.72 -3.92 -9.15
N LYS D 209 -7.48 -4.99 -9.35
CA LYS D 209 -7.27 -5.88 -10.50
C LYS D 209 -7.80 -5.21 -11.76
N VAL D 210 -9.09 -4.89 -11.75
CA VAL D 210 -9.64 -4.02 -12.77
C VAL D 210 -9.37 -2.57 -12.36
N LYS D 211 -8.58 -1.86 -13.17
CA LYS D 211 -8.21 -0.49 -12.87
C LYS D 211 -9.34 0.46 -13.28
N ILE D 212 -9.43 1.60 -12.62
CA ILE D 212 -10.47 2.56 -12.98
C ILE D 212 -9.92 3.96 -13.06
N VAL D 213 -10.15 4.59 -14.21
CA VAL D 213 -9.84 5.99 -14.41
C VAL D 213 -11.10 6.71 -14.87
N CYS D 214 -11.42 7.83 -14.24
CA CYS D 214 -12.67 8.52 -14.52
C CYS D 214 -12.61 10.03 -14.30
N PHE D 215 -13.75 10.69 -14.45
CA PHE D 215 -13.83 12.14 -14.31
C PHE D 215 -14.56 12.57 -13.06
N ASP D 216 -14.31 13.81 -12.67
CA ASP D 216 -15.01 14.49 -11.57
C ASP D 216 -14.63 14.02 -10.18
N THR D 217 -15.00 14.82 -9.18
CA THR D 217 -14.57 14.60 -7.81
C THR D 217 -15.73 14.66 -6.82
N THR D 218 -16.88 14.13 -7.23
CA THR D 218 -18.03 14.06 -6.34
C THR D 218 -17.72 13.21 -5.11
N PRO D 219 -18.57 13.31 -4.07
CA PRO D 219 -18.20 12.69 -2.79
C PRO D 219 -18.00 11.18 -2.88
N ASP D 220 -18.80 10.49 -3.71
CA ASP D 220 -18.66 9.06 -3.84
C ASP D 220 -17.42 8.68 -4.65
N ILE D 221 -17.19 9.37 -5.77
CA ILE D 221 -15.96 9.18 -6.51
C ILE D 221 -14.76 9.37 -5.59
N LEU D 222 -14.75 10.48 -4.85
CA LEU D 222 -13.71 10.77 -3.86
C LEU D 222 -13.56 9.68 -2.80
N GLN D 223 -14.63 8.92 -2.57
CA GLN D 223 -14.56 7.84 -1.59
C GLN D 223 -13.89 6.62 -2.22
N TYR D 224 -14.39 6.20 -3.37
CA TYR D 224 -13.84 5.01 -4.02
C TYR D 224 -12.36 5.23 -4.31
N VAL D 225 -11.99 6.48 -4.48
CA VAL D 225 -10.60 6.84 -4.70
C VAL D 225 -9.83 6.56 -3.42
N LYS D 226 -10.27 7.17 -2.32
CA LYS D 226 -9.64 6.98 -1.03
C LYS D 226 -9.50 5.50 -0.69
N GLU D 227 -10.49 4.71 -1.10
CA GLU D 227 -10.45 3.27 -0.85
C GLU D 227 -9.46 2.56 -1.77
N GLY D 228 -9.08 3.23 -2.86
CA GLY D 228 -8.14 2.66 -3.80
C GLY D 228 -8.85 1.74 -4.77
N VAL D 229 -10.10 2.07 -5.09
CA VAL D 229 -10.86 1.31 -6.06
C VAL D 229 -10.77 2.06 -7.38
N ILE D 230 -10.78 3.38 -7.29
CA ILE D 230 -10.46 4.26 -8.40
C ILE D 230 -9.06 4.84 -8.18
N GLN D 231 -8.19 4.68 -9.17
CA GLN D 231 -6.80 5.09 -9.05
C GLN D 231 -6.63 6.56 -9.43
N ALA D 232 -7.47 7.03 -10.34
CA ALA D 232 -7.31 8.38 -10.87
C ALA D 232 -8.59 8.96 -11.47
N THR D 233 -8.84 10.22 -11.18
CA THR D 233 -10.00 10.89 -11.74
C THR D 233 -9.65 12.29 -12.25
N MET D 234 -10.27 12.69 -13.34
CA MET D 234 -10.04 14.03 -13.87
C MET D 234 -11.05 15.02 -13.32
N GLY D 235 -10.73 15.64 -12.20
CA GLY D 235 -11.61 16.62 -11.62
C GLY D 235 -11.79 17.86 -12.48
N GLN D 236 -13.05 18.22 -12.77
CA GLN D 236 -13.36 19.51 -13.36
C GLN D 236 -13.62 20.52 -12.24
N ARG D 237 -14.12 21.70 -12.62
CA ARG D 237 -14.41 22.76 -11.66
C ARG D 237 -15.80 23.32 -11.92
N PRO D 238 -16.83 22.51 -11.62
CA PRO D 238 -18.23 22.77 -11.99
C PRO D 238 -18.71 24.07 -11.37
N TYR D 239 -18.33 24.29 -10.13
CA TYR D 239 -18.65 25.52 -9.43
C TYR D 239 -18.20 26.78 -10.20
N MET D 240 -17.01 26.75 -10.78
CA MET D 240 -16.53 27.90 -11.54
C MET D 240 -17.27 28.07 -12.87
N MET D 241 -17.64 26.96 -13.49
CA MET D 241 -18.42 27.02 -14.73
C MET D 241 -19.69 27.82 -14.46
N GLY D 242 -20.35 27.47 -13.35
CA GLY D 242 -21.55 28.16 -12.93
C GLY D 242 -21.30 29.62 -12.62
N TYR D 243 -20.36 29.89 -11.72
CA TYR D 243 -20.09 31.25 -11.25
C TYR D 243 -19.71 32.20 -12.41
N LEU D 244 -18.84 31.76 -13.30
CA LEU D 244 -18.35 32.66 -14.35
C LEU D 244 -19.39 32.89 -15.44
N SER D 245 -20.13 31.84 -15.81
CA SER D 245 -21.29 31.96 -16.72
C SER D 245 -22.21 33.14 -16.38
N VAL D 246 -22.66 33.18 -15.12
CA VAL D 246 -23.46 34.29 -14.65
C VAL D 246 -22.66 35.58 -14.81
N THR D 247 -21.44 35.58 -14.30
CA THR D 247 -20.63 36.80 -14.29
C THR D 247 -20.41 37.34 -15.70
N VAL D 248 -20.19 36.46 -16.66
CA VAL D 248 -19.97 36.94 -18.01
C VAL D 248 -21.25 37.54 -18.58
N LEU D 249 -22.35 36.82 -18.41
CA LEU D 249 -23.64 37.29 -18.91
C LEU D 249 -24.06 38.59 -18.22
N TYR D 250 -23.84 38.66 -16.91
CA TYR D 250 -24.09 39.88 -16.17
C TYR D 250 -23.39 41.04 -16.84
N LEU D 251 -22.09 40.87 -17.05
CA LEU D 251 -21.24 41.87 -17.70
C LEU D 251 -21.73 42.25 -19.08
N MET D 252 -22.14 41.25 -19.86
CA MET D 252 -22.63 41.53 -21.20
C MET D 252 -23.80 42.50 -21.17
N ASN D 253 -24.57 42.48 -20.10
CA ASN D 253 -25.66 43.45 -19.96
C ASN D 253 -25.18 44.82 -19.50
N LYS D 254 -24.36 44.85 -18.47
CA LYS D 254 -23.90 46.10 -17.90
C LYS D 254 -22.91 46.89 -18.79
N ILE D 255 -21.99 46.21 -19.46
CA ILE D 255 -21.00 46.88 -20.31
C ILE D 255 -21.09 46.50 -21.79
N GLY D 256 -21.77 45.39 -22.10
CA GLY D 256 -21.98 45.01 -23.48
C GLY D 256 -21.22 43.75 -23.86
N VAL D 257 -21.59 43.16 -24.99
CA VAL D 257 -20.93 41.93 -25.43
C VAL D 257 -19.45 42.16 -25.69
N GLN D 258 -19.13 43.07 -26.60
CA GLN D 258 -17.74 43.33 -26.97
C GLN D 258 -16.85 43.66 -25.78
N ASN D 259 -17.11 44.79 -25.15
CA ASN D 259 -16.36 45.14 -23.95
C ASN D 259 -16.11 43.96 -23.01
N THR D 260 -17.13 43.15 -22.78
CA THR D 260 -16.99 41.95 -21.96
C THR D 260 -15.96 40.97 -22.54
N LEU D 261 -16.06 40.72 -23.84
CA LEU D 261 -15.20 39.78 -24.56
C LEU D 261 -13.74 40.17 -24.43
N MET D 262 -13.49 41.48 -24.48
CA MET D 262 -12.13 42.01 -24.48
C MET D 262 -11.38 41.65 -23.19
N MET D 263 -12.13 41.23 -22.18
CA MET D 263 -11.54 40.84 -20.91
C MET D 263 -11.21 39.37 -20.90
N LEU D 264 -11.72 38.63 -21.88
CA LEU D 264 -11.58 37.18 -21.85
C LEU D 264 -10.43 36.65 -22.72
N PRO D 265 -10.01 35.40 -22.47
CA PRO D 265 -9.00 34.76 -23.29
C PRO D 265 -9.47 34.63 -24.74
N LYS D 266 -8.54 34.63 -25.70
CA LYS D 266 -8.89 34.43 -27.11
C LYS D 266 -8.24 33.15 -27.65
N VAL D 267 -8.86 32.57 -28.67
CA VAL D 267 -8.25 31.53 -29.47
C VAL D 267 -8.45 31.94 -30.92
N LYS D 268 -7.35 32.10 -31.64
CA LYS D 268 -7.44 32.55 -33.03
C LYS D 268 -7.37 31.35 -33.96
N VAL D 269 -6.92 30.22 -33.42
CA VAL D 269 -6.70 28.99 -34.19
C VAL D 269 -7.68 28.84 -35.36
N ASP D 270 -7.12 28.65 -36.56
CA ASP D 270 -7.85 28.63 -37.84
C ASP D 270 -7.57 29.89 -38.64
N GLY D 271 -8.16 31.00 -38.21
CA GLY D 271 -7.98 32.27 -38.89
C GLY D 271 -8.92 33.34 -38.40
N LYS D 272 -9.85 32.94 -37.53
CA LYS D 272 -10.78 33.90 -36.94
C LYS D 272 -10.96 33.65 -35.43
N VAL D 273 -11.26 34.72 -34.70
CA VAL D 273 -11.19 34.73 -33.25
C VAL D 273 -12.32 33.98 -32.56
N ASP D 274 -12.01 33.37 -31.41
CA ASP D 274 -13.04 32.81 -30.55
C ASP D 274 -12.66 33.03 -29.08
N TYR D 275 -13.64 32.94 -28.20
CA TYR D 275 -13.41 33.20 -26.79
C TYR D 275 -13.70 31.93 -26.00
N VAL D 276 -12.91 31.70 -24.95
CA VAL D 276 -13.04 30.45 -24.19
C VAL D 276 -12.41 30.60 -22.82
N ILE D 277 -13.13 30.20 -21.78
CA ILE D 277 -12.58 30.25 -20.44
C ILE D 277 -12.30 28.86 -19.91
N ASP D 278 -11.06 28.43 -20.00
CA ASP D 278 -10.63 27.14 -19.46
C ASP D 278 -10.81 27.13 -17.93
N THR D 279 -11.76 26.33 -17.44
CA THR D 279 -11.99 26.29 -16.00
C THR D 279 -11.01 25.43 -15.23
N GLY D 280 -10.15 24.70 -15.95
CA GLY D 280 -9.15 23.89 -15.29
C GLY D 280 -9.57 22.48 -14.98
N VAL D 281 -8.58 21.64 -14.69
CA VAL D 281 -8.83 20.22 -14.43
C VAL D 281 -7.69 19.65 -13.58
N ASP D 282 -8.05 18.80 -12.63
CA ASP D 282 -7.09 18.29 -11.67
C ASP D 282 -6.99 16.79 -11.70
N VAL D 283 -5.81 16.27 -12.04
CA VAL D 283 -5.59 14.83 -11.91
C VAL D 283 -5.59 14.50 -10.42
N VAL D 284 -6.56 13.70 -9.98
CA VAL D 284 -6.63 13.33 -8.56
C VAL D 284 -6.29 11.86 -8.36
N THR D 285 -5.44 11.60 -7.37
CA THR D 285 -5.01 10.24 -7.07
C THR D 285 -5.04 10.04 -5.58
N PRO D 286 -5.14 8.78 -5.14
CA PRO D 286 -5.19 8.49 -3.70
C PRO D 286 -3.97 9.05 -2.99
N GLU D 287 -2.86 9.23 -3.71
CA GLU D 287 -1.68 9.84 -3.13
C GLU D 287 -1.90 11.34 -2.89
N ASN D 288 -2.27 12.07 -3.94
CA ASN D 288 -2.44 13.51 -3.86
C ASN D 288 -3.84 13.97 -3.45
N LEU D 289 -4.65 13.07 -2.90
CA LEU D 289 -6.02 13.42 -2.55
C LEU D 289 -6.06 14.54 -1.52
N ASP D 290 -5.33 14.36 -0.42
CA ASP D 290 -5.39 15.30 0.70
C ASP D 290 -4.88 16.69 0.30
N GLU D 291 -3.89 16.73 -0.58
CA GLU D 291 -3.33 18.01 -1.03
C GLU D 291 -4.28 18.68 -2.03
N TYR D 292 -5.26 17.90 -2.51
CA TYR D 292 -6.25 18.40 -3.46
C TYR D 292 -7.38 19.11 -2.74
N LEU D 293 -7.95 18.46 -1.74
CA LEU D 293 -8.99 19.08 -0.93
C LEU D 293 -8.51 20.42 -0.40
N LYS D 294 -7.27 20.46 0.08
CA LYS D 294 -6.65 21.70 0.52
C LYS D 294 -6.67 22.75 -0.59
N LYS D 295 -6.23 22.34 -1.78
CA LYS D 295 -6.20 23.21 -2.97
C LYS D 295 -7.56 23.86 -3.25
N MET D 296 -8.61 23.04 -3.20
CA MET D 296 -9.97 23.50 -3.44
C MET D 296 -10.41 24.57 -2.44
N GLU D 297 -9.91 24.48 -1.22
CA GLU D 297 -10.22 25.48 -0.20
C GLU D 297 -9.53 26.80 -0.53
N GLU D 298 -8.23 26.75 -0.79
CA GLU D 298 -7.48 27.95 -1.17
C GLU D 298 -7.97 28.56 -2.48
N LEU D 299 -8.80 27.83 -3.20
CA LEU D 299 -9.40 28.33 -4.43
C LEU D 299 -10.79 28.90 -4.17
N GLY D 300 -11.29 28.67 -2.96
CA GLY D 300 -12.63 29.10 -2.59
C GLY D 300 -13.73 28.31 -3.28
N ILE D 301 -13.44 27.04 -3.59
CA ILE D 301 -14.38 26.12 -4.22
C ILE D 301 -14.88 25.13 -3.17
N PRO D 302 -16.21 24.98 -3.05
CA PRO D 302 -16.80 24.13 -2.01
C PRO D 302 -16.71 22.66 -2.38
N ILE D 303 -16.07 21.88 -1.52
CA ILE D 303 -15.99 20.42 -1.72
C ILE D 303 -16.77 19.65 -0.66
N LYS D 304 -17.86 19.02 -1.09
CA LYS D 304 -18.71 18.20 -0.24
C LYS D 304 -18.05 16.85 0.00
N PHE D 305 -18.21 16.29 1.20
CA PHE D 305 -17.59 15.00 1.52
C PHE D 305 -18.55 14.07 2.26
#